data_3TGW
#
_entry.id   3TGW
#
_cell.length_a   73.933
_cell.length_b   95.802
_cell.length_c   130.268
_cell.angle_alpha   90.000
_cell.angle_beta   90.000
_cell.angle_gamma   90.000
#
_symmetry.space_group_name_H-M   'P 21 21 21'
#
loop_
_entity.id
_entity.type
_entity.pdbx_description
1 polymer 'V-type ATP synthase beta chain'
2 non-polymer GLYCEROL
3 non-polymer 3,6,9,12,15,18-HEXAOXAICOSANE-1,20-DIOL
4 non-polymer 'CHLORIDE ION'
5 non-polymer '4-(2-AMINOETHYL)BENZENESULFONYL FLUORIDE'
6 non-polymer 'TETRAETHYLENE GLYCOL'
7 non-polymer 2-(2-METHOXYETHOXY)ETHANOL
8 water water
#
_entity_poly.entity_id   1
_entity_poly.type   'polypeptide(L)'
_entity_poly.pdbx_seq_one_letter_code
;MVKEYKTITQIAGPLIFVEKTEPVGYNEIVNIKMGDGTVRRGQVLDSSADIVVVQVFEGTGGLDKDCGVIFTGETLKLPA
SVDLLGRILSGSGEPRDGGPRIVPDQLLDINGAAMNPYARLPPKDFIQTGISTIDGTNTLVRGQKLPIFSASGLPANEIA
LQIARQASVPGSESAFAVVFAAMGITNEEAQYFMSDFEKTGALERAVVFLNLADDPAVERIVTPRMALTAAEYLAYEHGM
HVLVILTDITNYAEALRQMGAARNEVPGRRGYPGYMYTDLATLYERAGIVKGAKGSVTQIPILSMPGDDITHPIPDLSGY
ITEGQIVVARELHRKGIYPPINVLPSLSRLMNSGIGAGKTREDHKAVSDQMYAGYAEGRDLRGLVAIVGKEALSERDTKF
LEFADLFEDKFVRQGRNENRTIEDTLEIGWQILTHLPENQLGRIDNKYIQKYHPAHRKAK
;
_entity_poly.pdbx_strand_id   A,B
#
loop_
_chem_comp.id
_chem_comp.type
_chem_comp.name
_chem_comp.formula
AES non-polymer '4-(2-AMINOETHYL)BENZENESULFONYL FLUORIDE' 'C8 H10 F N O2 S'
CL non-polymer 'CHLORIDE ION' 'Cl -1'
GOL non-polymer GLYCEROL 'C3 H8 O3'
P33 non-polymer 3,6,9,12,15,18-HEXAOXAICOSANE-1,20-DIOL 'C14 H30 O8'
PG0 non-polymer 2-(2-METHOXYETHOXY)ETHANOL 'C5 H12 O3'
PG4 non-polymer 'TETRAETHYLENE GLYCOL' 'C8 H18 O5'
#
# COMPACT_ATOMS: atom_id res chain seq x y z
N ILE A 11 13.97 24.68 -22.56
CA ILE A 11 14.16 23.41 -23.33
C ILE A 11 13.16 22.35 -22.81
N ALA A 12 11.87 22.71 -22.82
CA ALA A 12 10.79 21.92 -22.19
C ALA A 12 10.99 21.79 -20.67
N GLY A 13 10.77 22.91 -19.96
CA GLY A 13 10.70 22.79 -18.54
C GLY A 13 9.31 22.74 -17.90
N PRO A 14 9.15 23.58 -16.89
CA PRO A 14 8.01 23.51 -15.97
C PRO A 14 6.72 23.94 -16.72
N LEU A 15 5.59 23.38 -16.34
CA LEU A 15 4.28 23.95 -16.76
C LEU A 15 3.93 25.08 -15.82
N ILE A 16 3.43 26.14 -16.41
CA ILE A 16 2.87 27.22 -15.71
C ILE A 16 1.47 27.49 -16.24
N PHE A 17 0.75 28.31 -15.51
CA PHE A 17 -0.67 28.56 -15.78
C PHE A 17 -0.86 30.05 -15.94
N VAL A 18 -1.55 30.40 -17.03
CA VAL A 18 -1.53 31.77 -17.52
C VAL A 18 -3.01 32.24 -17.70
N GLU A 19 -3.26 33.53 -17.45
CA GLU A 19 -4.60 34.12 -17.62
C GLU A 19 -4.81 34.23 -19.12
N LYS A 20 -5.88 33.67 -19.67
CA LYS A 20 -6.08 33.72 -21.13
C LYS A 20 -6.75 35.07 -21.45
N THR A 21 -6.25 35.78 -22.44
CA THR A 21 -6.89 37.04 -22.83
C THR A 21 -7.22 37.06 -24.33
N GLU A 22 -6.79 36.00 -25.04
CA GLU A 22 -7.16 35.85 -26.47
C GLU A 22 -7.00 34.38 -26.89
N PRO A 23 -7.65 33.96 -28.00
CA PRO A 23 -7.44 32.56 -28.43
C PRO A 23 -5.95 32.30 -28.77
N VAL A 24 -5.52 31.05 -28.53
CA VAL A 24 -4.15 30.70 -28.75
C VAL A 24 -4.13 29.38 -29.50
N GLY A 25 -3.05 29.07 -30.18
CA GLY A 25 -2.99 27.77 -30.91
C GLY A 25 -2.02 26.83 -30.14
N TYR A 26 -2.14 25.53 -30.42
CA TYR A 26 -1.23 24.56 -29.87
C TYR A 26 0.21 24.89 -30.28
N ASN A 27 1.08 24.84 -29.27
CA ASN A 27 2.50 25.16 -29.49
C ASN A 27 2.84 26.59 -29.86
N GLU A 28 1.88 27.49 -29.71
CA GLU A 28 2.11 28.90 -29.94
C GLU A 28 3.13 29.40 -28.92
N ILE A 29 4.09 30.19 -29.44
CA ILE A 29 5.16 30.78 -28.61
C ILE A 29 4.62 32.01 -27.96
N VAL A 30 4.76 32.09 -26.64
CA VAL A 30 4.25 33.23 -25.89
C VAL A 30 5.32 33.75 -24.86
N ASN A 31 5.13 35.00 -24.48
CA ASN A 31 5.95 35.60 -23.40
C ASN A 31 5.06 35.74 -22.23
N ILE A 32 5.53 35.38 -21.01
CA ILE A 32 4.61 35.42 -19.85
C ILE A 32 5.28 36.26 -18.77
N LYS A 33 4.53 37.19 -18.20
CA LYS A 33 5.06 37.94 -17.04
C LYS A 33 4.71 37.15 -15.80
N MET A 34 5.75 36.73 -15.06
CA MET A 34 5.58 35.93 -13.83
C MET A 34 5.21 36.80 -12.64
N GLY A 35 4.74 36.13 -11.57
CA GLY A 35 4.35 36.84 -10.37
C GLY A 35 5.50 37.68 -9.78
N ASP A 36 6.74 37.23 -9.96
CA ASP A 36 7.86 37.95 -9.37
C ASP A 36 8.38 39.12 -10.24
N GLY A 37 7.76 39.29 -11.39
CA GLY A 37 8.04 40.44 -12.26
C GLY A 37 8.94 40.06 -13.40
N THR A 38 9.52 38.86 -13.36
CA THR A 38 10.37 38.41 -14.47
C THR A 38 9.47 37.88 -15.60
N VAL A 39 10.08 37.67 -16.75
CA VAL A 39 9.41 37.09 -17.93
C VAL A 39 9.90 35.69 -18.27
N ARG A 40 9.01 34.93 -18.89
CA ARG A 40 9.41 33.63 -19.39
C ARG A 40 8.86 33.56 -20.85
N ARG A 41 9.56 32.83 -21.68
CA ARG A 41 9.05 32.44 -22.98
C ARG A 41 8.60 30.98 -22.83
N GLY A 42 7.54 30.55 -23.53
CA GLY A 42 7.18 29.18 -23.51
C GLY A 42 6.25 28.88 -24.70
N GLN A 43 5.72 27.63 -24.70
CA GLN A 43 4.75 27.15 -25.72
C GLN A 43 3.44 26.73 -25.08
N VAL A 44 2.35 27.06 -25.74
CA VAL A 44 1.05 26.70 -25.30
C VAL A 44 0.84 25.20 -25.43
N LEU A 45 0.29 24.56 -24.39
CA LEU A 45 -0.12 23.14 -24.45
C LEU A 45 -1.63 22.94 -24.58
N ASP A 46 -2.40 23.77 -23.87
CA ASP A 46 -3.85 23.61 -23.86
C ASP A 46 -4.46 24.81 -23.21
N SER A 47 -5.81 24.90 -23.25
CA SER A 47 -6.47 26.07 -22.61
C SER A 47 -7.94 25.81 -22.39
N SER A 48 -8.49 26.58 -21.46
CA SER A 48 -9.93 26.66 -21.23
C SER A 48 -10.29 28.07 -21.59
N ALA A 49 -11.54 28.52 -21.33
CA ALA A 49 -11.91 29.91 -21.64
C ALA A 49 -11.01 30.95 -21.04
N ASP A 50 -10.55 30.69 -19.80
CA ASP A 50 -9.84 31.72 -19.08
CA ASP A 50 -9.82 31.73 -19.07
C ASP A 50 -8.44 31.34 -18.64
N ILE A 51 -8.03 30.11 -18.95
CA ILE A 51 -6.69 29.69 -18.49
C ILE A 51 -5.88 29.01 -19.59
N VAL A 52 -4.59 29.30 -19.69
CA VAL A 52 -3.74 28.67 -20.69
C VAL A 52 -2.67 27.89 -19.92
N VAL A 53 -2.39 26.67 -20.39
CA VAL A 53 -1.29 25.86 -19.83
C VAL A 53 -0.11 26.07 -20.75
N VAL A 54 1.06 26.51 -20.19
CA VAL A 54 2.21 26.83 -21.07
C VAL A 54 3.36 26.06 -20.51
N GLN A 55 4.17 25.49 -21.40
CA GLN A 55 5.41 24.87 -20.96
C GLN A 55 6.56 25.85 -21.20
N VAL A 56 7.29 26.18 -20.14
CA VAL A 56 8.32 27.21 -20.22
C VAL A 56 9.58 26.69 -20.89
N PHE A 57 10.28 27.62 -21.57
CA PHE A 57 11.70 27.44 -21.99
C PHE A 57 12.66 28.01 -20.94
N GLU A 58 13.78 27.35 -20.70
CA GLU A 58 14.82 27.94 -19.81
C GLU A 58 15.48 29.19 -20.47
N GLY A 59 15.70 30.26 -19.67
CA GLY A 59 16.38 31.51 -20.11
C GLY A 59 15.81 32.19 -21.36
N THR A 60 16.67 32.39 -22.38
CA THR A 60 16.26 32.92 -23.71
C THR A 60 15.36 31.86 -24.45
N GLY A 61 15.41 31.79 -25.78
CA GLY A 61 14.63 30.79 -26.55
C GLY A 61 15.10 29.35 -26.39
N GLY A 62 14.17 28.40 -26.53
CA GLY A 62 14.46 26.96 -26.39
C GLY A 62 13.60 26.07 -27.28
N ASP A 66 5.48 33.55 -32.14
CA ASP A 66 6.43 32.67 -32.82
C ASP A 66 7.88 33.18 -32.70
N CYS A 67 8.08 34.48 -32.96
CA CYS A 67 9.30 35.21 -32.56
C CYS A 67 9.34 36.69 -32.97
N GLY A 68 8.19 37.20 -33.44
CA GLY A 68 8.03 38.63 -33.74
C GLY A 68 6.87 39.27 -33.01
N VAL A 69 5.64 38.89 -33.39
CA VAL A 69 4.40 39.59 -32.98
C VAL A 69 3.57 38.80 -31.96
N ILE A 70 4.25 38.41 -30.86
CA ILE A 70 3.81 37.29 -30.02
C ILE A 70 2.91 37.71 -28.83
N PHE A 71 2.03 36.80 -28.42
CA PHE A 71 1.19 36.97 -27.21
C PHE A 71 2.04 37.14 -25.95
N THR A 72 1.70 38.17 -25.17
CA THR A 72 2.26 38.41 -23.85
C THR A 72 1.14 38.34 -22.83
N GLY A 73 1.37 37.56 -21.78
CA GLY A 73 0.29 37.25 -20.87
C GLY A 73 0.84 37.34 -19.47
N GLU A 74 -0.04 37.21 -18.50
CA GLU A 74 0.40 37.17 -17.09
C GLU A 74 -0.03 35.86 -16.52
N THR A 75 0.71 35.37 -15.52
CA THR A 75 0.31 34.10 -14.89
C THR A 75 -1.00 34.21 -14.19
N LEU A 76 -1.72 33.07 -14.10
CA LEU A 76 -2.91 32.93 -13.30
C LEU A 76 -2.50 32.98 -11.82
N LYS A 77 -3.19 33.82 -11.04
CA LYS A 77 -2.79 33.97 -9.65
C LYS A 77 -3.86 33.54 -8.69
N LEU A 78 -3.42 33.10 -7.53
CA LEU A 78 -4.28 32.99 -6.37
C LEU A 78 -4.41 34.40 -5.75
N PRO A 79 -5.64 34.90 -5.51
CA PRO A 79 -5.80 36.12 -4.72
C PRO A 79 -5.62 35.74 -3.24
N ALA A 80 -4.42 35.89 -2.69
CA ALA A 80 -4.06 35.32 -1.40
C ALA A 80 -4.44 36.34 -0.34
N SER A 81 -5.18 35.91 0.65
CA SER A 81 -5.55 36.75 1.79
C SER A 81 -6.03 35.86 2.89
N VAL A 82 -5.97 36.32 4.15
CA VAL A 82 -6.58 35.49 5.23
C VAL A 82 -8.07 35.38 5.06
N ASP A 83 -8.63 36.28 4.26
CA ASP A 83 -10.06 36.24 3.95
C ASP A 83 -10.48 35.19 2.93
N LEU A 84 -9.50 34.42 2.42
CA LEU A 84 -9.90 33.14 1.80
C LEU A 84 -10.67 32.24 2.77
N LEU A 85 -10.28 32.28 4.05
CA LEU A 85 -10.97 31.44 5.02
C LEU A 85 -12.43 31.86 5.10
N GLY A 86 -13.26 30.85 5.04
CA GLY A 86 -14.73 31.00 5.08
C GLY A 86 -15.37 31.08 3.72
N ARG A 87 -14.58 30.89 2.63
CA ARG A 87 -15.11 31.03 1.27
C ARG A 87 -15.15 29.71 0.52
N ILE A 88 -16.12 29.58 -0.37
CA ILE A 88 -16.23 28.38 -1.22
C ILE A 88 -16.01 28.88 -2.62
N LEU A 89 -14.97 28.35 -3.26
CA LEU A 89 -14.51 28.81 -4.59
C LEU A 89 -14.53 27.69 -5.62
N SER A 90 -14.47 28.06 -6.91
CA SER A 90 -14.22 27.09 -7.99
C SER A 90 -12.74 26.64 -7.96
N GLY A 91 -12.43 25.72 -8.85
CA GLY A 91 -11.02 25.27 -9.02
C GLY A 91 -10.05 26.41 -9.42
N SER A 92 -10.58 27.47 -10.05
CA SER A 92 -9.77 28.64 -10.48
C SER A 92 -9.83 29.76 -9.44
N GLY A 93 -10.54 29.54 -8.35
CA GLY A 93 -10.50 30.59 -7.29
C GLY A 93 -11.66 31.58 -7.34
N GLU A 94 -12.59 31.36 -8.26
CA GLU A 94 -13.79 32.25 -8.40
C GLU A 94 -14.89 31.85 -7.41
N PRO A 95 -15.64 32.83 -6.87
CA PRO A 95 -16.63 32.45 -5.85
C PRO A 95 -17.69 31.47 -6.34
N ARG A 96 -18.12 30.58 -5.44
CA ARG A 96 -19.33 29.77 -5.67
C ARG A 96 -20.35 29.99 -4.59
N ASP A 97 -20.03 30.88 -3.67
CA ASP A 97 -20.84 30.99 -2.51
C ASP A 97 -21.74 32.23 -2.55
N GLY A 98 -21.73 32.93 -3.68
CA GLY A 98 -22.59 34.11 -3.87
C GLY A 98 -21.94 35.35 -3.30
N GLY A 99 -20.71 35.22 -2.81
CA GLY A 99 -19.96 36.33 -2.25
C GLY A 99 -19.13 37.01 -3.33
N PRO A 100 -18.54 38.14 -2.99
CA PRO A 100 -17.73 38.92 -3.94
C PRO A 100 -16.40 38.25 -4.17
N ARG A 101 -15.72 38.56 -5.28
CA ARG A 101 -14.37 38.02 -5.44
C ARG A 101 -13.43 38.38 -4.32
N ILE A 102 -12.48 37.48 -4.08
CA ILE A 102 -11.52 37.69 -3.06
C ILE A 102 -10.72 38.94 -3.33
N VAL A 103 -10.60 39.77 -2.31
CA VAL A 103 -9.73 40.92 -2.38
C VAL A 103 -8.30 40.55 -1.90
N PRO A 104 -7.30 40.55 -2.81
CA PRO A 104 -6.02 39.98 -2.41
C PRO A 104 -5.09 40.88 -1.55
N ASP A 105 -4.39 40.25 -0.62
CA ASP A 105 -3.24 40.87 0.04
CA ASP A 105 -3.23 40.89 0.00
C ASP A 105 -2.06 40.75 -0.96
N GLN A 106 -2.03 39.62 -1.68
CA GLN A 106 -0.87 39.33 -2.54
C GLN A 106 -1.43 38.51 -3.70
N LEU A 107 -0.90 38.67 -4.92
CA LEU A 107 -1.35 37.85 -6.03
C LEU A 107 -0.23 36.82 -6.18
N LEU A 108 -0.49 35.53 -6.01
CA LEU A 108 0.66 34.60 -6.07
C LEU A 108 0.58 33.63 -7.25
N ASP A 109 1.70 33.36 -7.91
CA ASP A 109 1.71 32.25 -8.89
C ASP A 109 1.38 30.96 -8.18
N ILE A 110 0.89 29.97 -8.94
CA ILE A 110 0.28 28.79 -8.29
C ILE A 110 1.08 27.54 -8.51
N ASN A 111 2.11 27.59 -9.35
CA ASN A 111 2.67 26.30 -9.74
C ASN A 111 3.61 25.70 -8.70
N GLY A 112 3.93 26.49 -7.67
CA GLY A 112 4.73 26.03 -6.51
C GLY A 112 5.99 26.90 -6.37
N ALA A 113 6.27 27.73 -7.36
CA ALA A 113 7.45 28.56 -7.31
C ALA A 113 7.35 29.72 -6.36
N ALA A 114 6.15 30.19 -6.08
CA ALA A 114 6.01 31.32 -5.18
C ALA A 114 6.45 31.00 -3.76
N MET A 115 6.98 31.98 -3.09
CA MET A 115 7.27 31.88 -1.68
C MET A 115 8.43 31.02 -1.24
N ASN A 116 8.74 29.90 -1.89
CA ASN A 116 9.80 29.05 -1.43
C ASN A 116 9.62 28.78 0.05
N PRO A 117 8.48 28.26 0.43
CA PRO A 117 8.09 28.33 1.84
C PRO A 117 8.65 27.24 2.75
N TYR A 118 9.18 26.14 2.20
CA TYR A 118 9.37 24.94 3.03
C TYR A 118 10.73 24.97 3.72
N ALA A 119 10.78 24.53 4.95
CA ALA A 119 12.01 24.32 5.67
C ALA A 119 12.60 22.99 5.42
N ARG A 120 13.90 22.82 5.68
CA ARG A 120 14.44 21.45 5.62
C ARG A 120 14.41 20.84 7.00
N LEU A 121 13.20 20.67 7.54
CA LEU A 121 12.98 20.11 8.85
C LEU A 121 12.00 18.99 8.67
N PRO A 122 12.07 17.98 9.51
CA PRO A 122 11.19 16.85 9.36
C PRO A 122 9.78 17.12 9.92
N PRO A 123 8.76 16.50 9.37
CA PRO A 123 7.43 16.64 9.96
C PRO A 123 7.43 16.18 11.41
N LYS A 124 6.61 16.83 12.21
CA LYS A 124 6.51 16.44 13.60
C LYS A 124 5.32 16.68 14.53
N ASP A 125 4.60 17.66 14.52
CA ASP A 125 3.83 17.34 15.81
C ASP A 125 2.48 16.62 15.55
N PHE A 126 1.56 16.52 16.53
CA PHE A 126 0.31 15.75 16.35
C PHE A 126 -0.77 16.55 15.64
N ILE A 127 -1.43 15.94 14.68
CA ILE A 127 -2.77 16.42 14.19
C ILE A 127 -3.85 15.49 14.65
N GLN A 128 -4.76 16.01 15.48
CA GLN A 128 -5.85 15.17 15.94
C GLN A 128 -6.95 15.16 14.92
N THR A 129 -7.18 14.03 14.23
CA THR A 129 -8.28 13.99 13.24
C THR A 129 -9.62 13.65 13.92
N GLY A 130 -9.54 13.20 15.17
CA GLY A 130 -10.76 12.69 15.83
C GLY A 130 -11.17 11.29 15.44
N ILE A 131 -10.40 10.66 14.52
CA ILE A 131 -10.73 9.31 14.06
C ILE A 131 -9.73 8.35 14.69
N SER A 132 -10.20 7.38 15.48
CA SER A 132 -9.31 6.50 16.24
C SER A 132 -8.31 5.67 15.41
N THR A 133 -8.79 5.21 14.28
CA THR A 133 -7.93 4.36 13.37
C THR A 133 -6.94 5.25 12.61
N ILE A 134 -6.95 6.57 12.77
CA ILE A 134 -5.83 7.37 12.28
C ILE A 134 -4.99 7.80 13.48
N ASP A 135 -5.63 8.57 14.39
CA ASP A 135 -4.85 9.07 15.54
C ASP A 135 -4.25 8.01 16.43
N GLY A 136 -4.98 6.92 16.61
CA GLY A 136 -4.52 5.84 17.48
C GLY A 136 -3.35 5.07 16.89
N THR A 137 -3.57 4.51 15.69
CA THR A 137 -2.68 3.48 15.16
C THR A 137 -1.79 3.93 14.01
N ASN A 138 -2.05 5.12 13.41
CA ASN A 138 -1.20 5.55 12.24
CA ASN A 138 -1.44 5.56 12.13
C ASN A 138 -1.35 7.07 12.14
N THR A 139 -0.78 7.63 13.19
CA THR A 139 -0.97 9.03 13.49
C THR A 139 -0.47 9.98 12.40
N LEU A 140 -1.30 10.98 12.10
CA LEU A 140 -1.01 12.06 11.13
C LEU A 140 -0.19 13.11 11.91
N VAL A 141 0.94 13.50 11.33
CA VAL A 141 1.85 14.51 11.92
C VAL A 141 1.98 15.74 10.99
N ARG A 142 2.21 16.89 11.62
CA ARG A 142 2.20 18.12 10.86
C ARG A 142 3.35 18.13 9.85
N GLY A 143 3.02 18.37 8.58
CA GLY A 143 4.02 18.40 7.51
C GLY A 143 4.03 17.09 6.68
N GLN A 144 3.21 16.12 7.08
CA GLN A 144 3.25 14.78 6.49
C GLN A 144 2.36 14.79 5.21
N LYS A 145 2.55 13.78 4.30
CA LYS A 145 1.57 13.50 3.23
CA LYS A 145 1.53 13.50 3.27
C LYS A 145 1.07 12.07 3.55
N LEU A 146 -0.22 11.95 3.89
CA LEU A 146 -0.80 10.64 4.32
C LEU A 146 -2.05 10.38 3.50
N PRO A 147 -1.87 9.62 2.38
CA PRO A 147 -2.99 9.30 1.47
C PRO A 147 -3.99 8.35 2.07
N ILE A 148 -5.24 8.56 1.69
CA ILE A 148 -6.32 7.62 1.93
C ILE A 148 -6.50 6.84 0.66
N PHE A 149 -6.33 5.51 0.73
CA PHE A 149 -6.37 4.70 -0.46
CA PHE A 149 -6.44 4.62 -0.48
C PHE A 149 -7.74 4.00 -0.47
N SER A 150 -8.48 4.13 -1.60
CA SER A 150 -9.85 3.67 -1.67
C SER A 150 -10.15 3.08 -3.02
N ALA A 151 -11.44 2.85 -3.22
CA ALA A 151 -11.92 2.17 -4.45
C ALA A 151 -13.32 2.57 -4.55
N SER A 152 -13.85 2.38 -5.76
CA SER A 152 -15.19 2.79 -6.10
C SER A 152 -16.14 2.22 -5.11
N GLY A 153 -17.06 3.05 -4.65
CA GLY A 153 -18.09 2.50 -3.81
C GLY A 153 -17.83 2.64 -2.32
N LEU A 154 -16.62 3.04 -1.92
CA LEU A 154 -16.27 3.07 -0.51
C LEU A 154 -16.33 4.51 -0.05
N PRO A 155 -16.55 4.77 1.24
CA PRO A 155 -16.86 6.11 1.69
C PRO A 155 -15.62 6.98 1.99
N ALA A 156 -14.69 7.09 1.02
CA ALA A 156 -13.47 7.82 1.31
C ALA A 156 -13.82 9.31 1.45
N ASN A 157 -14.77 9.84 0.68
CA ASN A 157 -15.05 11.28 0.85
C ASN A 157 -15.77 11.57 2.16
N GLU A 158 -16.57 10.62 2.68
CA GLU A 158 -17.10 10.83 4.04
C GLU A 158 -15.98 11.00 5.01
N ILE A 159 -14.95 10.14 4.93
CA ILE A 159 -13.83 10.23 5.87
C ILE A 159 -13.10 11.58 5.71
N ALA A 160 -12.85 11.96 4.46
CA ALA A 160 -12.16 13.24 4.19
C ALA A 160 -12.96 14.41 4.78
N LEU A 161 -14.27 14.40 4.59
CA LEU A 161 -15.09 15.50 5.10
C LEU A 161 -15.13 15.48 6.63
N GLN A 162 -15.19 14.29 7.21
CA GLN A 162 -15.16 14.16 8.66
C GLN A 162 -13.83 14.72 9.23
N ILE A 163 -12.68 14.44 8.58
CA ILE A 163 -11.43 15.00 9.04
C ILE A 163 -11.45 16.54 8.88
N ALA A 164 -12.03 17.03 7.79
CA ALA A 164 -12.11 18.47 7.57
C ALA A 164 -12.87 19.13 8.73
N ARG A 165 -13.98 18.52 9.16
CA ARG A 165 -14.77 19.10 10.29
C ARG A 165 -14.09 18.99 11.63
N GLN A 166 -13.32 17.92 11.86
CA GLN A 166 -12.85 17.58 13.20
C GLN A 166 -11.41 17.96 13.52
N ALA A 167 -10.54 18.10 12.52
CA ALA A 167 -9.11 18.13 12.78
C ALA A 167 -8.69 19.35 13.59
N SER A 168 -7.67 19.18 14.42
CA SER A 168 -7.14 20.31 15.24
C SER A 168 -5.70 20.01 15.58
N VAL A 169 -4.98 20.97 16.21
CA VAL A 169 -3.58 20.73 16.60
C VAL A 169 -3.47 21.00 18.13
N PRO A 170 -3.88 20.03 18.93
CA PRO A 170 -3.92 20.21 20.42
C PRO A 170 -2.67 20.79 21.00
N GLY A 171 -2.84 21.91 21.69
CA GLY A 171 -1.68 22.40 22.43
C GLY A 171 -0.84 23.36 21.62
N SER A 172 -1.18 23.56 20.35
CA SER A 172 -0.30 24.38 19.51
C SER A 172 -0.55 25.89 19.74
N GLU A 173 0.49 26.68 19.64
CA GLU A 173 0.32 28.12 19.68
C GLU A 173 -0.07 28.75 18.35
N SER A 174 -0.03 27.95 17.28
CA SER A 174 -0.36 28.45 15.96
C SER A 174 -1.79 28.10 15.61
N ALA A 175 -2.44 28.98 14.85
CA ALA A 175 -3.85 28.80 14.45
C ALA A 175 -3.86 27.64 13.41
N PHE A 176 -5.02 27.05 13.24
CA PHE A 176 -5.21 25.88 12.38
C PHE A 176 -6.21 26.18 11.26
N ALA A 177 -5.95 25.71 10.04
CA ALA A 177 -6.88 25.96 8.95
C ALA A 177 -6.94 24.69 8.09
N VAL A 178 -8.02 24.60 7.36
CA VAL A 178 -8.22 23.49 6.43
C VAL A 178 -8.33 24.06 5.04
N VAL A 179 -7.69 23.40 4.07
CA VAL A 179 -7.98 23.67 2.67
C VAL A 179 -8.55 22.42 2.08
N PHE A 180 -9.76 22.51 1.54
CA PHE A 180 -10.44 21.31 1.05
C PHE A 180 -10.63 21.49 -0.42
N ALA A 181 -10.05 20.60 -1.25
CA ALA A 181 -10.15 20.72 -2.72
C ALA A 181 -10.72 19.47 -3.31
N ALA A 182 -11.82 19.63 -4.06
CA ALA A 182 -12.50 18.46 -4.64
C ALA A 182 -12.40 18.59 -6.13
N MET A 183 -12.14 17.46 -6.85
CA MET A 183 -11.80 17.54 -8.29
C MET A 183 -12.74 16.62 -9.00
N GLY A 184 -13.37 17.09 -10.07
CA GLY A 184 -14.13 16.14 -10.95
C GLY A 184 -15.49 15.74 -10.31
N ILE A 185 -16.05 16.49 -9.36
CA ILE A 185 -17.19 16.01 -8.57
C ILE A 185 -18.54 16.29 -9.24
N THR A 186 -19.58 15.55 -8.86
CA THR A 186 -20.94 15.88 -9.40
C THR A 186 -21.54 17.09 -8.76
N ASN A 187 -22.59 17.65 -9.37
CA ASN A 187 -23.33 18.74 -8.74
CA ASN A 187 -23.32 18.71 -8.74
C ASN A 187 -23.86 18.35 -7.37
N GLU A 188 -24.39 17.14 -7.23
CA GLU A 188 -24.92 16.77 -5.95
C GLU A 188 -23.85 16.69 -4.92
N GLU A 189 -22.67 16.16 -5.26
CA GLU A 189 -21.56 16.11 -4.32
C GLU A 189 -21.19 17.51 -3.90
N ALA A 190 -21.08 18.40 -4.88
CA ALA A 190 -20.68 19.79 -4.58
C ALA A 190 -21.70 20.40 -3.62
N GLN A 191 -23.01 20.22 -3.88
CA GLN A 191 -24.03 20.81 -3.00
C GLN A 191 -23.91 20.24 -1.62
N TYR A 192 -23.63 18.92 -1.54
CA TYR A 192 -23.49 18.28 -0.24
C TYR A 192 -22.28 18.78 0.53
N PHE A 193 -21.13 18.91 -0.15
CA PHE A 193 -19.98 19.43 0.58
C PHE A 193 -20.19 20.87 1.04
N MET A 194 -20.81 21.70 0.17
CA MET A 194 -21.10 23.07 0.58
C MET A 194 -22.00 23.13 1.83
N SER A 195 -23.07 22.34 1.79
CA SER A 195 -24.02 22.22 2.89
CA SER A 195 -23.99 22.32 2.93
C SER A 195 -23.29 21.84 4.17
N ASP A 196 -22.41 20.82 4.02
CA ASP A 196 -21.74 20.34 5.18
C ASP A 196 -20.83 21.38 5.84
N PHE A 197 -20.03 22.05 5.01
CA PHE A 197 -19.14 23.05 5.53
C PHE A 197 -19.89 24.22 6.20
N GLU A 198 -21.00 24.58 5.59
CA GLU A 198 -21.78 25.75 6.08
C GLU A 198 -22.50 25.40 7.38
N LYS A 199 -23.16 24.25 7.40
CA LYS A 199 -24.03 23.87 8.59
C LYS A 199 -23.23 23.55 9.85
N THR A 200 -22.04 23.00 9.68
CA THR A 200 -21.28 22.60 10.86
C THR A 200 -20.42 23.75 11.39
N GLY A 201 -20.29 24.83 10.62
CA GLY A 201 -19.36 25.93 11.00
C GLY A 201 -17.89 25.57 10.71
N ALA A 202 -17.65 24.37 10.17
CA ALA A 202 -16.27 24.04 9.71
C ALA A 202 -15.76 25.02 8.63
N LEU A 203 -16.68 25.67 7.92
CA LEU A 203 -16.31 26.69 6.91
C LEU A 203 -15.51 27.86 7.43
N GLU A 204 -15.73 28.26 8.69
CA GLU A 204 -15.07 29.47 9.21
CA GLU A 204 -15.06 29.43 9.30
C GLU A 204 -13.54 29.34 9.24
N ARG A 205 -13.03 28.11 9.31
CA ARG A 205 -11.59 27.94 9.28
CA ARG A 205 -11.59 27.88 9.33
C ARG A 205 -11.09 27.21 8.03
N ALA A 206 -11.89 27.22 6.98
CA ALA A 206 -11.50 26.52 5.77
C ALA A 206 -11.58 27.37 4.54
N VAL A 207 -10.78 27.04 3.52
CA VAL A 207 -11.03 27.49 2.20
C VAL A 207 -11.42 26.27 1.37
N VAL A 208 -12.49 26.38 0.57
CA VAL A 208 -13.00 25.19 -0.09
C VAL A 208 -12.92 25.47 -1.57
N PHE A 209 -12.28 24.57 -2.33
CA PHE A 209 -12.17 24.76 -3.78
C PHE A 209 -12.94 23.59 -4.39
N LEU A 210 -13.96 23.85 -5.16
CA LEU A 210 -14.78 22.77 -5.74
C LEU A 210 -14.70 22.82 -7.26
N ASN A 211 -14.20 21.73 -7.85
CA ASN A 211 -14.21 21.59 -9.31
C ASN A 211 -15.18 20.50 -9.70
N LEU A 212 -16.07 20.78 -10.65
CA LEU A 212 -17.08 19.84 -11.04
C LEU A 212 -16.60 19.00 -12.21
N ALA A 213 -17.23 17.83 -12.35
CA ALA A 213 -16.92 16.96 -13.51
C ALA A 213 -16.95 17.72 -14.84
N ASP A 214 -17.96 18.56 -15.02
CA ASP A 214 -18.10 19.22 -16.34
C ASP A 214 -17.45 20.57 -16.45
N ASP A 215 -16.78 21.01 -15.38
CA ASP A 215 -15.89 22.15 -15.52
C ASP A 215 -14.72 21.78 -16.43
N PRO A 216 -14.04 22.79 -16.98
CA PRO A 216 -12.99 22.43 -17.97
C PRO A 216 -11.88 21.60 -17.37
N ALA A 217 -11.32 20.71 -18.16
CA ALA A 217 -10.25 19.86 -17.62
C ALA A 217 -9.07 20.72 -17.14
N VAL A 218 -8.77 21.83 -17.83
CA VAL A 218 -7.64 22.69 -17.36
C VAL A 218 -7.90 23.25 -16.00
N GLU A 219 -9.16 23.57 -15.72
CA GLU A 219 -9.56 24.06 -14.37
C GLU A 219 -9.33 22.96 -13.33
N ARG A 220 -9.59 21.70 -13.70
CA ARG A 220 -9.34 20.63 -12.75
C ARG A 220 -7.85 20.53 -12.45
N ILE A 221 -7.01 20.68 -13.48
CA ILE A 221 -5.55 20.59 -13.30
C ILE A 221 -5.05 21.76 -12.41
N VAL A 222 -5.64 22.95 -12.53
CA VAL A 222 -5.24 24.07 -11.69
C VAL A 222 -5.70 23.90 -10.23
N THR A 223 -6.78 23.15 -10.03
CA THR A 223 -7.44 23.05 -8.70
C THR A 223 -6.48 22.72 -7.54
N PRO A 224 -5.69 21.63 -7.65
CA PRO A 224 -4.83 21.35 -6.46
C PRO A 224 -3.72 22.39 -6.29
N ARG A 225 -3.35 23.09 -7.37
CA ARG A 225 -2.31 24.14 -7.31
C ARG A 225 -2.87 25.39 -6.60
N MET A 226 -4.09 25.74 -6.92
CA MET A 226 -4.72 26.84 -6.16
C MET A 226 -4.79 26.46 -4.69
N ALA A 227 -5.22 25.22 -4.41
CA ALA A 227 -5.36 24.82 -3.02
C ALA A 227 -4.03 24.79 -2.29
N LEU A 228 -3.00 24.20 -2.92
CA LEU A 228 -1.66 24.12 -2.25
C LEU A 228 -1.05 25.53 -2.05
N THR A 229 -1.26 26.42 -3.02
CA THR A 229 -0.73 27.78 -2.90
C THR A 229 -1.43 28.49 -1.75
N ALA A 230 -2.77 28.34 -1.67
CA ALA A 230 -3.47 28.94 -0.48
C ALA A 230 -2.93 28.40 0.81
N ALA A 231 -2.72 27.07 0.89
CA ALA A 231 -2.19 26.44 2.11
C ALA A 231 -0.82 26.98 2.47
N GLU A 232 0.06 27.07 1.46
CA GLU A 232 1.44 27.57 1.71
C GLU A 232 1.43 29.06 2.20
N TYR A 233 0.48 29.82 1.66
CA TYR A 233 0.39 31.26 1.96
C TYR A 233 -0.06 31.35 3.40
N LEU A 234 -1.08 30.57 3.79
CA LEU A 234 -1.58 30.66 5.21
C LEU A 234 -0.53 30.11 6.16
N ALA A 235 0.13 29.00 5.78
CA ALA A 235 1.16 28.43 6.65
C ALA A 235 2.40 29.37 6.87
N TYR A 236 2.91 29.95 5.80
CA TYR A 236 4.20 30.63 5.78
C TYR A 236 4.02 32.11 6.11
N GLU A 237 3.05 32.75 5.49
CA GLU A 237 2.82 34.19 5.73
C GLU A 237 1.98 34.40 6.99
N HIS A 238 1.24 33.40 7.45
CA HIS A 238 0.33 33.61 8.59
C HIS A 238 0.57 32.66 9.76
N GLY A 239 1.67 31.91 9.68
CA GLY A 239 2.11 31.05 10.79
C GLY A 239 1.08 30.01 11.16
N MET A 240 0.37 29.42 10.17
CA MET A 240 -0.71 28.45 10.50
C MET A 240 -0.29 27.01 10.24
N HIS A 241 -0.81 26.06 11.02
CA HIS A 241 -0.77 24.65 10.58
C HIS A 241 -1.98 24.45 9.71
N VAL A 242 -1.70 24.05 8.46
CA VAL A 242 -2.79 23.98 7.47
C VAL A 242 -2.86 22.50 7.01
N LEU A 243 -4.08 21.99 6.99
CA LEU A 243 -4.33 20.60 6.54
C LEU A 243 -5.07 20.69 5.19
N VAL A 244 -4.45 20.11 4.17
CA VAL A 244 -4.96 20.18 2.78
C VAL A 244 -5.56 18.80 2.48
N ILE A 245 -6.85 18.78 2.18
CA ILE A 245 -7.56 17.54 1.80
C ILE A 245 -7.78 17.60 0.31
N LEU A 246 -7.29 16.59 -0.45
CA LEU A 246 -7.45 16.64 -1.93
C LEU A 246 -8.20 15.45 -2.41
N THR A 247 -9.36 15.66 -2.98
CA THR A 247 -10.13 14.49 -3.40
C THR A 247 -10.71 14.58 -4.82
N ASP A 248 -10.08 13.88 -5.71
CA ASP A 248 -9.58 12.44 -5.64
C ASP A 248 -8.40 12.71 -6.61
N ILE A 249 -7.15 12.28 -6.27
CA ILE A 249 -6.06 12.47 -7.17
C ILE A 249 -6.25 11.63 -8.46
N THR A 250 -7.02 10.57 -8.34
CA THR A 250 -7.25 9.72 -9.53
C THR A 250 -8.07 10.53 -10.57
N ASN A 251 -9.07 11.28 -10.11
CA ASN A 251 -9.81 12.17 -11.02
C ASN A 251 -8.98 13.27 -11.62
N TYR A 252 -8.06 13.82 -10.85
CA TYR A 252 -7.10 14.74 -11.42
C TYR A 252 -6.31 14.09 -12.57
N ALA A 253 -5.84 12.87 -12.30
CA ALA A 253 -4.95 12.13 -13.25
C ALA A 253 -5.75 11.81 -14.52
N GLU A 254 -7.05 11.59 -14.38
CA GLU A 254 -7.90 11.31 -15.57
C GLU A 254 -8.04 12.52 -16.48
N ALA A 255 -8.03 13.72 -15.93
CA ALA A 255 -7.96 14.93 -16.73
C ALA A 255 -6.58 15.13 -17.28
N LEU A 256 -5.54 14.91 -16.46
CA LEU A 256 -4.22 15.15 -16.97
C LEU A 256 -3.90 14.26 -18.23
N ARG A 257 -4.34 12.99 -18.26
CA ARG A 257 -3.86 12.09 -19.30
C ARG A 257 -4.44 12.49 -20.65
N GLN A 258 -5.44 13.37 -20.62
CA GLN A 258 -6.03 13.87 -21.87
C GLN A 258 -5.73 15.35 -22.21
N MET A 259 -4.94 16.01 -21.36
CA MET A 259 -4.65 17.43 -21.52
C MET A 259 -3.43 17.61 -22.44
N GLY A 260 -3.46 18.63 -23.30
CA GLY A 260 -2.24 19.03 -23.95
C GLY A 260 -1.50 17.96 -24.72
N ALA A 261 -0.20 17.86 -24.47
CA ALA A 261 0.61 16.96 -25.25
C ALA A 261 0.40 15.45 -24.97
N ALA A 262 -0.31 15.11 -23.88
CA ALA A 262 -0.59 13.73 -23.52
C ALA A 262 -1.71 13.14 -24.35
N ARG A 263 -2.50 13.98 -25.00
CA ARG A 263 -3.71 13.50 -25.63
C ARG A 263 -3.38 12.40 -26.64
N ASN A 264 -4.01 11.22 -26.49
CA ASN A 264 -3.81 10.00 -27.32
C ASN A 264 -2.35 9.54 -27.44
N GLU A 265 -1.51 9.92 -26.44
CA GLU A 265 -0.14 9.38 -26.29
C GLU A 265 -0.14 8.33 -25.14
N VAL A 266 0.80 7.39 -25.23
CA VAL A 266 0.76 6.17 -24.37
C VAL A 266 1.97 6.20 -23.44
N PRO A 267 1.73 6.07 -22.11
CA PRO A 267 2.89 6.09 -21.19
C PRO A 267 3.92 5.04 -21.59
N GLY A 268 5.18 5.39 -21.46
CA GLY A 268 6.23 4.43 -21.78
C GLY A 268 6.60 4.43 -23.27
N ARG A 269 5.86 5.17 -24.09
CA ARG A 269 6.10 5.19 -25.56
C ARG A 269 6.60 6.54 -26.10
N ARG A 270 7.28 6.47 -27.24
CA ARG A 270 7.66 7.65 -27.97
C ARG A 270 6.42 8.52 -28.16
N GLY A 271 6.58 9.83 -27.95
CA GLY A 271 5.47 10.75 -28.09
C GLY A 271 4.82 11.08 -26.75
N TYR A 272 5.00 10.23 -25.73
CA TYR A 272 4.49 10.59 -24.38
C TYR A 272 5.39 11.68 -23.76
N PRO A 273 4.78 12.80 -23.34
CA PRO A 273 5.63 13.92 -22.97
C PRO A 273 6.32 13.77 -21.62
N GLY A 274 7.60 14.17 -21.56
CA GLY A 274 8.40 14.07 -20.29
C GLY A 274 7.70 14.60 -19.03
N TYR A 275 6.96 15.72 -19.17
CA TYR A 275 6.32 16.36 -17.99
C TYR A 275 5.28 15.46 -17.38
N MET A 276 4.74 14.47 -18.12
CA MET A 276 3.74 13.52 -17.53
C MET A 276 4.35 12.61 -16.47
N TYR A 277 5.68 12.43 -16.50
CA TYR A 277 6.34 11.56 -15.50
C TYR A 277 6.62 12.29 -14.21
N THR A 278 6.68 13.62 -14.29
CA THR A 278 6.98 14.39 -13.08
C THR A 278 5.83 15.23 -12.58
N ASP A 279 4.66 15.24 -13.28
CA ASP A 279 3.57 16.12 -12.84
C ASP A 279 3.12 15.83 -11.42
N LEU A 280 2.95 14.54 -11.10
CA LEU A 280 2.39 14.23 -9.78
C LEU A 280 3.35 14.64 -8.69
N ALA A 281 4.65 14.61 -8.98
CA ALA A 281 5.62 15.03 -7.97
C ALA A 281 5.56 16.52 -7.74
N THR A 282 5.04 17.28 -8.72
CA THR A 282 4.87 18.75 -8.43
C THR A 282 3.76 19.01 -7.37
N LEU A 283 2.89 18.00 -7.15
CA LEU A 283 1.85 18.04 -6.09
C LEU A 283 2.44 17.49 -4.81
N TYR A 284 3.04 16.31 -4.86
CA TYR A 284 3.50 15.67 -3.63
C TYR A 284 4.70 16.27 -2.98
N GLU A 285 5.45 17.06 -3.72
CA GLU A 285 6.63 17.78 -3.13
C GLU A 285 6.17 18.89 -2.22
N ARG A 286 4.91 19.33 -2.38
CA ARG A 286 4.41 20.54 -1.70
C ARG A 286 3.78 20.15 -0.39
N ALA A 287 4.62 19.82 0.60
CA ALA A 287 4.13 19.55 1.94
C ALA A 287 5.33 19.70 2.87
N GLY A 288 5.08 19.99 4.11
CA GLY A 288 6.25 19.96 5.04
C GLY A 288 6.07 21.10 6.05
N ILE A 289 6.93 21.12 7.06
CA ILE A 289 7.09 22.29 7.90
C ILE A 289 7.54 23.53 7.07
N VAL A 290 7.05 24.73 7.44
CA VAL A 290 7.45 25.92 6.64
C VAL A 290 8.51 26.69 7.41
N LYS A 291 9.24 27.48 6.67
CA LYS A 291 10.30 28.30 7.29
C LYS A 291 9.77 29.15 8.46
N GLY A 292 10.57 29.20 9.54
CA GLY A 292 10.18 29.86 10.82
C GLY A 292 9.65 28.80 11.78
N ALA A 293 9.33 27.62 11.26
CA ALA A 293 8.72 26.56 12.04
C ALA A 293 7.42 26.91 12.85
N LYS A 294 6.69 27.99 12.50
CA LYS A 294 5.43 28.29 13.18
C LYS A 294 4.26 27.58 12.47
N GLY A 295 4.47 27.22 11.21
CA GLY A 295 3.34 26.63 10.46
C GLY A 295 3.81 25.42 9.70
N SER A 296 2.86 24.87 8.91
CA SER A 296 3.18 23.65 8.18
C SER A 296 2.07 23.41 7.16
N VAL A 297 2.39 22.64 6.12
CA VAL A 297 1.38 22.18 5.16
C VAL A 297 1.37 20.65 5.26
N THR A 298 0.20 20.07 5.61
CA THR A 298 0.02 18.62 5.64
C THR A 298 -0.96 18.25 4.55
N GLN A 299 -0.73 17.13 3.84
CA GLN A 299 -1.73 16.72 2.82
C GLN A 299 -2.38 15.36 3.18
N ILE A 300 -3.68 15.27 2.86
CA ILE A 300 -4.40 13.97 2.90
C ILE A 300 -5.02 13.91 1.50
N PRO A 301 -4.28 13.34 0.59
CA PRO A 301 -4.87 13.11 -0.74
C PRO A 301 -5.67 11.82 -0.75
N ILE A 302 -6.77 11.82 -1.51
CA ILE A 302 -7.56 10.56 -1.68
C ILE A 302 -7.10 9.95 -2.99
N LEU A 303 -6.66 8.67 -2.95
CA LEU A 303 -6.18 7.97 -4.17
C LEU A 303 -7.15 6.83 -4.33
N SER A 304 -8.07 6.90 -5.29
CA SER A 304 -8.94 5.75 -5.52
CA SER A 304 -8.96 5.77 -5.52
C SER A 304 -8.34 4.84 -6.56
N MET A 305 -8.43 3.54 -6.28
CA MET A 305 -7.91 2.57 -7.23
C MET A 305 -8.74 2.65 -8.49
N PRO A 306 -8.10 2.99 -9.61
CA PRO A 306 -8.97 3.05 -10.79
C PRO A 306 -9.33 1.65 -11.26
N GLY A 307 -10.51 1.47 -11.77
CA GLY A 307 -10.84 0.12 -12.22
C GLY A 307 -10.52 -0.02 -13.70
N ASP A 308 -9.81 0.98 -14.27
CA ASP A 308 -9.66 1.03 -15.75
C ASP A 308 -8.24 1.23 -16.28
N ASP A 309 -7.26 0.55 -15.67
CA ASP A 309 -5.89 0.71 -16.13
C ASP A 309 -5.72 0.39 -17.61
N ILE A 310 -6.49 -0.58 -18.11
CA ILE A 310 -6.31 -1.02 -19.51
C ILE A 310 -6.76 0.07 -20.49
N THR A 311 -7.90 0.69 -20.20
CA THR A 311 -8.43 1.69 -21.13
C THR A 311 -7.92 3.10 -20.88
N HIS A 312 -7.52 3.42 -19.63
CA HIS A 312 -7.17 4.79 -19.32
C HIS A 312 -5.87 4.84 -18.50
N PRO A 313 -4.73 4.53 -19.12
CA PRO A 313 -3.48 4.60 -18.33
C PRO A 313 -3.22 6.01 -17.80
N ILE A 314 -2.92 6.07 -16.51
CA ILE A 314 -2.61 7.36 -15.86
C ILE A 314 -1.18 7.31 -15.29
N PRO A 315 -0.66 8.47 -14.92
CA PRO A 315 0.65 8.42 -14.25
C PRO A 315 0.54 7.61 -13.02
N ASP A 316 1.67 7.02 -12.61
CA ASP A 316 1.67 6.12 -11.46
C ASP A 316 1.40 6.90 -10.22
N LEU A 317 0.45 6.45 -9.39
CA LEU A 317 0.09 7.24 -8.20
C LEU A 317 1.03 6.86 -7.05
N SER A 318 1.84 5.80 -7.23
CA SER A 318 2.61 5.31 -6.07
C SER A 318 3.61 6.34 -5.53
N GLY A 319 4.03 7.31 -6.35
CA GLY A 319 4.92 8.38 -5.85
C GLY A 319 4.33 9.18 -4.72
N TYR A 320 3.00 9.16 -4.63
CA TYR A 320 2.34 9.88 -3.57
C TYR A 320 2.41 9.16 -2.17
N ILE A 321 2.91 7.92 -2.19
CA ILE A 321 2.86 7.01 -1.04
C ILE A 321 4.32 6.86 -0.50
N THR A 322 4.82 7.80 0.22
CA THR A 322 6.14 7.60 0.76
C THR A 322 6.17 7.76 2.25
N GLU A 323 5.04 8.26 2.82
CA GLU A 323 5.12 8.46 4.25
C GLU A 323 3.97 7.65 4.87
N GLY A 324 3.47 6.69 4.11
CA GLY A 324 2.41 5.78 4.67
C GLY A 324 1.10 5.85 3.91
N GLN A 325 0.04 5.19 4.45
CA GLN A 325 -1.25 5.15 3.77
CA GLN A 325 -1.27 5.27 3.80
C GLN A 325 -2.34 4.79 4.72
N ILE A 326 -3.56 5.29 4.48
CA ILE A 326 -4.70 4.84 5.30
C ILE A 326 -5.55 4.02 4.36
N VAL A 327 -5.81 2.75 4.70
CA VAL A 327 -6.47 1.86 3.73
C VAL A 327 -7.95 1.63 4.09
N VAL A 328 -8.80 1.97 3.13
CA VAL A 328 -10.25 1.79 3.24
C VAL A 328 -10.56 0.40 2.70
N ALA A 329 -11.21 -0.44 3.50
CA ALA A 329 -11.35 -1.88 3.17
C ALA A 329 -12.83 -2.25 2.93
N ARG A 330 -13.12 -2.83 1.76
CA ARG A 330 -14.54 -3.30 1.53
C ARG A 330 -15.01 -4.29 2.54
N GLU A 331 -14.12 -5.09 3.14
CA GLU A 331 -14.59 -6.13 4.08
C GLU A 331 -15.32 -5.44 5.20
N LEU A 332 -14.72 -4.35 5.70
CA LEU A 332 -15.26 -3.70 6.88
C LEU A 332 -16.54 -2.92 6.48
N HIS A 333 -16.51 -2.32 5.30
CA HIS A 333 -17.73 -1.66 4.77
C HIS A 333 -18.91 -2.66 4.67
N ARG A 334 -18.62 -3.87 4.18
CA ARG A 334 -19.70 -4.83 4.01
C ARG A 334 -20.22 -5.35 5.36
N LYS A 335 -19.40 -5.30 6.40
CA LYS A 335 -19.82 -5.65 7.76
C LYS A 335 -20.65 -4.54 8.39
N GLY A 336 -20.88 -3.45 7.68
CA GLY A 336 -21.63 -2.31 8.30
C GLY A 336 -20.85 -1.37 9.13
N ILE A 337 -19.50 -1.43 9.03
CA ILE A 337 -18.67 -0.56 9.87
C ILE A 337 -18.23 0.69 9.13
N TYR A 338 -18.37 1.84 9.83
CA TYR A 338 -17.83 3.12 9.34
C TYR A 338 -16.95 3.58 10.47
N PRO A 339 -15.95 4.39 10.13
CA PRO A 339 -15.05 4.26 9.01
C PRO A 339 -14.43 2.90 8.76
N PRO A 340 -14.54 2.40 7.54
CA PRO A 340 -14.09 1.07 7.28
C PRO A 340 -12.59 1.08 6.95
N ILE A 341 -11.82 1.47 7.96
CA ILE A 341 -10.37 1.52 7.81
C ILE A 341 -9.79 0.30 8.41
N ASN A 342 -8.93 -0.38 7.62
CA ASN A 342 -8.25 -1.53 8.14
C ASN A 342 -6.86 -1.14 8.55
N VAL A 343 -6.61 -1.19 9.85
CA VAL A 343 -5.34 -0.61 10.35
C VAL A 343 -4.13 -1.46 9.98
N LEU A 344 -4.33 -2.76 9.69
CA LEU A 344 -3.15 -3.60 9.50
C LEU A 344 -2.33 -3.26 8.21
N PRO A 345 -2.99 -2.98 7.08
CA PRO A 345 -2.18 -2.56 5.92
C PRO A 345 -1.90 -1.05 5.99
N SER A 346 -2.55 -0.35 6.94
CA SER A 346 -2.32 1.09 7.05
C SER A 346 -0.99 1.41 7.81
N LEU A 347 -0.40 2.57 7.54
CA LEU A 347 0.87 2.93 8.15
C LEU A 347 1.00 4.43 8.12
N SER A 348 1.59 4.96 9.18
CA SER A 348 2.10 6.29 9.14
C SER A 348 3.61 6.21 9.50
N ARG A 349 4.45 6.51 8.50
CA ARG A 349 5.86 6.38 8.74
C ARG A 349 6.41 7.40 9.72
N LEU A 350 5.69 8.47 9.92
CA LEU A 350 6.19 9.56 10.76
C LEU A 350 5.47 9.59 12.14
N MET A 351 4.67 8.58 12.38
CA MET A 351 3.90 8.51 13.66
C MET A 351 4.72 8.77 14.90
N ASN A 352 5.92 8.17 15.04
CA ASN A 352 6.56 8.36 16.34
C ASN A 352 6.94 9.83 16.64
N SER A 353 6.98 10.71 15.63
CA SER A 353 7.32 12.11 15.75
C SER A 353 6.14 12.90 16.28
N GLY A 354 4.97 12.28 16.36
CA GLY A 354 3.74 12.99 16.65
C GLY A 354 3.11 12.46 17.91
N ILE A 355 3.79 11.59 18.64
CA ILE A 355 3.10 10.95 19.78
C ILE A 355 3.91 11.01 21.07
N GLY A 356 3.25 10.66 22.21
CA GLY A 356 3.98 10.43 23.47
C GLY A 356 3.83 11.62 24.42
N ALA A 357 4.57 11.59 25.53
CA ALA A 357 4.41 12.76 26.49
C ALA A 357 4.59 14.10 25.80
N GLY A 358 3.67 15.01 26.09
CA GLY A 358 3.79 16.35 25.54
C GLY A 358 3.13 16.55 24.18
N LYS A 359 2.59 15.48 23.60
CA LYS A 359 2.08 15.52 22.24
C LYS A 359 0.72 14.84 22.30
N THR A 360 0.73 13.58 22.74
CA THR A 360 -0.50 12.81 22.96
C THR A 360 -0.48 12.33 24.38
N ARG A 361 -0.05 11.10 24.61
CA ARG A 361 0.14 10.60 26.01
C ARG A 361 1.22 9.60 26.01
N GLU A 362 1.92 9.43 27.14
CA GLU A 362 3.09 8.57 27.16
C GLU A 362 2.84 7.08 26.75
N ASP A 363 1.61 6.59 26.98
CA ASP A 363 1.33 5.16 26.73
C ASP A 363 0.91 4.92 25.24
N HIS A 364 0.89 5.99 24.46
CA HIS A 364 0.33 5.92 23.09
C HIS A 364 0.95 4.83 22.24
N LYS A 365 2.29 4.84 22.09
CA LYS A 365 2.97 3.80 21.26
CA LYS A 365 2.96 3.82 21.24
C LYS A 365 2.68 2.40 21.75
N ALA A 366 2.74 2.17 23.08
CA ALA A 366 2.52 0.83 23.61
C ALA A 366 1.12 0.35 23.28
N VAL A 367 0.14 1.22 23.50
CA VAL A 367 -1.25 0.85 23.27
C VAL A 367 -1.47 0.57 21.78
N SER A 368 -0.92 1.44 20.92
CA SER A 368 -1.09 1.22 19.48
C SER A 368 -0.43 -0.11 19.14
N ASP A 369 0.79 -0.31 19.63
CA ASP A 369 1.48 -1.58 19.23
C ASP A 369 0.69 -2.81 19.68
N GLN A 370 0.17 -2.70 20.91
CA GLN A 370 -0.53 -3.86 21.44
C GLN A 370 -1.86 -4.12 20.74
N MET A 371 -2.61 -3.06 20.39
CA MET A 371 -3.89 -3.22 19.68
C MET A 371 -3.57 -3.81 18.33
N TYR A 372 -2.50 -3.31 17.74
CA TYR A 372 -2.18 -3.78 16.37
C TYR A 372 -1.89 -5.30 16.36
N ALA A 373 -1.04 -5.70 17.30
CA ALA A 373 -0.62 -7.10 17.39
C ALA A 373 -1.80 -7.99 17.76
N GLY A 374 -2.68 -7.51 18.69
CA GLY A 374 -3.82 -8.33 19.11
C GLY A 374 -4.83 -8.49 17.96
N TYR A 375 -5.04 -7.42 17.20
CA TYR A 375 -5.96 -7.44 16.11
C TYR A 375 -5.44 -8.34 15.03
N ALA A 376 -4.16 -8.20 14.68
CA ALA A 376 -3.59 -9.06 13.60
C ALA A 376 -3.71 -10.56 14.03
N GLU A 377 -3.42 -10.85 15.30
CA GLU A 377 -3.49 -12.24 15.76
CA GLU A 377 -3.52 -12.20 15.86
C GLU A 377 -4.93 -12.74 15.72
N GLY A 378 -5.90 -11.94 16.21
CA GLY A 378 -7.32 -12.34 16.14
C GLY A 378 -7.82 -12.55 14.73
N ARG A 379 -7.35 -11.72 13.82
CA ARG A 379 -7.77 -11.91 12.37
C ARG A 379 -7.19 -13.21 11.85
N ASP A 380 -5.96 -13.56 12.24
CA ASP A 380 -5.46 -14.87 11.77
C ASP A 380 -6.26 -16.02 12.39
N LEU A 381 -6.61 -15.83 13.63
CA LEU A 381 -7.47 -16.82 14.35
C LEU A 381 -8.87 -16.96 13.77
N ARG A 382 -9.40 -15.94 13.07
CA ARG A 382 -10.64 -16.16 12.29
C ARG A 382 -10.40 -17.27 11.23
N GLY A 383 -9.21 -17.26 10.61
CA GLY A 383 -8.84 -18.39 9.71
C GLY A 383 -8.72 -19.74 10.45
N LEU A 384 -8.00 -19.76 11.58
CA LEU A 384 -7.84 -21.01 12.32
C LEU A 384 -9.20 -21.51 12.73
N VAL A 385 -10.09 -20.61 13.21
CA VAL A 385 -11.46 -21.09 13.58
C VAL A 385 -12.16 -21.76 12.43
N ALA A 386 -12.03 -21.18 11.24
CA ALA A 386 -12.61 -21.83 10.10
C ALA A 386 -11.92 -23.19 9.82
N ILE A 387 -10.64 -23.37 10.11
CA ILE A 387 -9.92 -24.63 9.79
C ILE A 387 -10.27 -25.66 10.87
N VAL A 388 -10.38 -25.25 12.14
CA VAL A 388 -10.55 -26.29 13.18
C VAL A 388 -11.91 -26.33 13.87
N GLY A 389 -12.71 -25.26 13.76
CA GLY A 389 -14.01 -25.17 14.46
C GLY A 389 -13.86 -24.39 15.76
N LYS A 390 -14.85 -23.57 16.05
CA LYS A 390 -14.73 -22.65 17.17
C LYS A 390 -14.43 -23.42 18.45
N GLU A 391 -15.01 -24.60 18.54
CA GLU A 391 -14.88 -25.32 19.82
C GLU A 391 -13.51 -25.99 20.02
N ALA A 392 -12.73 -26.11 18.95
CA ALA A 392 -11.36 -26.57 19.07
C ALA A 392 -10.34 -25.47 19.40
N LEU A 393 -10.72 -24.19 19.40
CA LEU A 393 -9.78 -23.13 19.74
C LEU A 393 -9.50 -23.06 21.23
N SER A 394 -8.25 -22.82 21.58
CA SER A 394 -7.88 -22.67 22.99
C SER A 394 -8.58 -21.47 23.65
N GLU A 395 -8.58 -21.44 24.97
CA GLU A 395 -9.11 -20.32 25.71
C GLU A 395 -8.40 -19.05 25.34
N ARG A 396 -7.11 -19.13 25.40
CA ARG A 396 -6.31 -17.93 25.10
C ARG A 396 -6.57 -17.40 23.67
N ASP A 397 -6.67 -18.30 22.72
CA ASP A 397 -6.86 -17.88 21.31
C ASP A 397 -8.27 -17.31 21.16
N THR A 398 -9.21 -17.89 21.93
CA THR A 398 -10.60 -17.41 21.84
C THR A 398 -10.63 -15.94 22.30
N LYS A 399 -9.86 -15.57 23.34
CA LYS A 399 -9.77 -14.20 23.81
C LYS A 399 -9.26 -13.31 22.65
N PHE A 400 -8.25 -13.77 21.92
CA PHE A 400 -7.77 -12.89 20.81
C PHE A 400 -8.76 -12.80 19.68
N LEU A 401 -9.37 -13.96 19.33
CA LEU A 401 -10.46 -13.96 18.36
C LEU A 401 -11.53 -12.90 18.72
N GLU A 402 -11.94 -12.90 20.00
CA GLU A 402 -12.94 -11.97 20.49
C GLU A 402 -12.46 -10.55 20.45
N PHE A 403 -11.17 -10.38 20.78
CA PHE A 403 -10.58 -9.05 20.74
C PHE A 403 -10.66 -8.46 19.30
N ALA A 404 -10.46 -9.26 18.25
CA ALA A 404 -10.58 -8.64 16.92
C ALA A 404 -12.01 -8.14 16.66
N ASP A 405 -13.03 -8.84 17.16
CA ASP A 405 -14.40 -8.30 17.07
C ASP A 405 -14.56 -7.02 17.81
N LEU A 406 -14.02 -6.96 19.04
CA LEU A 406 -14.16 -5.75 19.87
C LEU A 406 -13.42 -4.60 19.22
N PHE A 407 -12.26 -4.91 18.65
CA PHE A 407 -11.53 -3.88 17.95
C PHE A 407 -12.39 -3.28 16.82
N GLU A 408 -12.92 -4.12 15.95
CA GLU A 408 -13.76 -3.65 14.84
C GLU A 408 -15.05 -2.92 15.34
N ASP A 409 -15.66 -3.46 16.40
CA ASP A 409 -17.03 -3.04 16.74
C ASP A 409 -16.97 -1.74 17.60
N LYS A 410 -15.87 -1.61 18.38
CA LYS A 410 -15.76 -0.49 19.37
C LYS A 410 -14.73 0.58 19.00
N PHE A 411 -13.59 0.16 18.37
CA PHE A 411 -12.51 1.09 18.17
C PHE A 411 -12.56 1.56 16.73
N VAL A 412 -12.62 0.65 15.76
CA VAL A 412 -12.73 1.09 14.36
C VAL A 412 -14.02 1.83 14.10
N ARG A 413 -15.10 1.24 14.58
CA ARG A 413 -16.45 1.87 14.36
C ARG A 413 -16.57 3.13 15.18
N GLN A 414 -16.97 4.25 14.54
CA GLN A 414 -17.35 5.46 15.28
C GLN A 414 -18.28 6.25 14.41
N GLY A 415 -19.02 7.16 15.03
CA GLY A 415 -20.03 7.90 14.26
C GLY A 415 -19.37 8.84 13.26
N ARG A 416 -20.09 9.13 12.18
CA ARG A 416 -19.71 10.16 11.21
C ARG A 416 -19.48 11.50 11.90
N ASN A 417 -20.22 11.76 12.98
CA ASN A 417 -20.17 13.06 13.65
C ASN A 417 -19.43 12.96 14.97
N GLU A 418 -18.78 11.81 15.20
CA GLU A 418 -18.13 11.61 16.46
C GLU A 418 -16.62 11.95 16.40
N ASN A 419 -16.25 12.99 17.16
CA ASN A 419 -14.90 13.53 17.22
C ASN A 419 -14.21 13.06 18.48
N ARG A 420 -13.41 11.98 18.41
CA ARG A 420 -12.76 11.41 19.64
C ARG A 420 -11.48 12.12 19.90
N THR A 421 -11.27 12.64 21.10
CA THR A 421 -9.93 13.12 21.43
C THR A 421 -9.01 11.94 21.49
N ILE A 422 -7.70 12.21 21.40
CA ILE A 422 -6.78 11.07 21.54
C ILE A 422 -6.92 10.40 22.92
N GLU A 423 -7.32 11.14 23.93
CA GLU A 423 -7.61 10.54 25.22
C GLU A 423 -8.78 9.56 25.12
N ASP A 424 -9.86 9.99 24.49
CA ASP A 424 -11.05 9.13 24.21
C ASP A 424 -10.55 7.88 23.50
N THR A 425 -9.68 8.10 22.52
CA THR A 425 -9.23 6.98 21.67
C THR A 425 -8.39 6.00 22.48
N LEU A 426 -7.52 6.49 23.34
CA LEU A 426 -6.64 5.60 24.12
C LEU A 426 -7.47 4.89 25.20
N GLU A 427 -8.52 5.58 25.69
CA GLU A 427 -9.37 4.95 26.70
C GLU A 427 -10.20 3.80 26.10
N ILE A 428 -10.72 3.98 24.89
CA ILE A 428 -11.44 2.89 24.27
C ILE A 428 -10.45 1.73 24.05
N GLY A 429 -9.25 2.10 23.62
CA GLY A 429 -8.19 1.08 23.42
C GLY A 429 -7.91 0.32 24.74
N TRP A 430 -7.68 1.01 25.83
CA TRP A 430 -7.48 0.28 27.08
C TRP A 430 -8.68 -0.61 27.46
N GLN A 431 -9.91 -0.10 27.27
CA GLN A 431 -11.07 -0.91 27.67
C GLN A 431 -11.13 -2.19 26.86
N ILE A 432 -10.84 -2.11 25.56
CA ILE A 432 -10.96 -3.38 24.81
C ILE A 432 -9.75 -4.28 25.15
N LEU A 433 -8.61 -3.69 25.47
CA LEU A 433 -7.45 -4.47 25.78
C LEU A 433 -7.70 -5.27 27.07
N THR A 434 -8.57 -4.79 27.96
CA THR A 434 -8.93 -5.58 29.21
C THR A 434 -9.56 -6.96 28.87
N HIS A 435 -9.99 -7.15 27.63
CA HIS A 435 -10.47 -8.48 27.23
C HIS A 435 -9.36 -9.50 27.10
N LEU A 436 -8.13 -9.03 26.95
CA LEU A 436 -6.98 -9.97 26.79
C LEU A 436 -6.46 -10.28 28.19
N PRO A 437 -5.89 -11.47 28.39
CA PRO A 437 -5.23 -11.71 29.70
C PRO A 437 -4.10 -10.71 29.93
N GLU A 438 -3.99 -10.09 31.11
CA GLU A 438 -2.88 -9.17 31.36
C GLU A 438 -1.50 -9.74 31.06
N ASN A 439 -1.27 -11.03 31.33
CA ASN A 439 0.04 -11.66 31.00
C ASN A 439 0.28 -11.87 29.53
N GLN A 440 -0.71 -11.52 28.70
CA GLN A 440 -0.56 -11.60 27.23
C GLN A 440 -0.27 -10.23 26.56
N LEU A 441 -0.12 -9.18 27.36
CA LEU A 441 0.12 -7.84 26.83
C LEU A 441 1.60 -7.61 26.66
N GLY A 442 2.26 -8.40 25.80
CA GLY A 442 3.73 -8.35 25.78
C GLY A 442 4.32 -7.12 25.10
N ARG A 443 3.49 -6.23 24.55
CA ARG A 443 4.01 -5.00 23.90
C ARG A 443 3.89 -3.82 24.86
N ILE A 444 3.29 -4.02 26.02
CA ILE A 444 3.06 -2.91 26.94
C ILE A 444 3.94 -3.04 28.16
N ASP A 445 4.82 -2.06 28.30
CA ASP A 445 5.71 -1.89 29.43
C ASP A 445 4.88 -2.08 30.71
N ASN A 446 5.40 -2.84 31.67
CA ASN A 446 4.74 -2.89 33.00
C ASN A 446 4.41 -1.54 33.64
N LYS A 447 5.28 -0.53 33.45
CA LYS A 447 4.99 0.82 34.00
C LYS A 447 3.63 1.27 33.51
N TYR A 448 3.32 1.05 32.23
CA TYR A 448 2.05 1.54 31.68
C TYR A 448 0.85 0.70 32.09
N ILE A 449 1.02 -0.63 32.17
CA ILE A 449 -0.05 -1.49 32.72
C ILE A 449 -0.48 -0.99 34.14
N GLN A 450 0.51 -0.82 35.04
CA GLN A 450 0.19 -0.35 36.42
C GLN A 450 -0.51 1.02 36.44
N LYS A 451 -0.03 1.95 35.61
CA LYS A 451 -0.54 3.32 35.57
C LYS A 451 -1.88 3.50 34.86
N TYR A 452 -2.13 2.73 33.77
CA TYR A 452 -3.26 2.98 32.85
C TYR A 452 -4.29 1.86 32.66
N HIS A 453 -3.92 0.59 32.87
CA HIS A 453 -4.86 -0.51 32.66
C HIS A 453 -6.04 -0.29 33.62
N PRO A 454 -7.28 -0.45 33.14
CA PRO A 454 -8.47 -0.29 34.01
C PRO A 454 -8.51 -1.13 35.31
N ALA A 455 -7.75 -2.23 35.37
CA ALA A 455 -7.67 -3.02 36.60
C ALA A 455 -6.65 -2.49 37.61
N HIS A 456 -5.82 -1.53 37.22
CA HIS A 456 -4.75 -0.95 38.08
C HIS A 456 -4.76 0.59 38.27
N ARG A 457 -5.16 1.30 37.22
CA ARG A 457 -5.50 2.73 37.20
C ARG A 457 -5.61 3.52 38.53
N LYS A 458 -4.84 4.62 38.63
CA LYS A 458 -4.93 5.64 39.72
C LYS A 458 -4.56 5.06 41.08
N GLN B 10 -26.28 -18.14 -1.50
CA GLN B 10 -26.79 -18.40 -0.11
C GLN B 10 -25.72 -19.20 0.68
N ILE B 11 -24.46 -18.74 0.58
CA ILE B 11 -23.28 -19.56 0.94
C ILE B 11 -22.47 -19.04 2.21
N ALA B 12 -22.65 -19.68 3.35
CA ALA B 12 -22.31 -19.08 4.65
C ALA B 12 -20.93 -19.42 5.31
N GLY B 13 -20.73 -20.69 5.68
CA GLY B 13 -19.56 -21.10 6.45
C GLY B 13 -18.31 -21.33 5.63
N PRO B 14 -17.27 -21.84 6.29
CA PRO B 14 -15.97 -22.08 5.73
C PRO B 14 -15.95 -23.33 4.85
N LEU B 15 -15.05 -23.35 3.90
CA LEU B 15 -14.96 -24.44 2.92
C LEU B 15 -14.01 -25.50 3.47
N ILE B 16 -14.45 -26.74 3.41
CA ILE B 16 -13.56 -27.85 3.67
C ILE B 16 -13.59 -28.82 2.48
N PHE B 17 -12.42 -29.35 2.08
CA PHE B 17 -12.33 -30.19 0.87
C PHE B 17 -12.28 -31.62 1.29
N VAL B 18 -13.01 -32.45 0.54
CA VAL B 18 -13.24 -33.83 0.94
C VAL B 18 -13.00 -34.73 -0.26
N GLU B 19 -12.41 -35.90 -0.04
CA GLU B 19 -12.18 -36.86 -1.12
CA GLU B 19 -12.19 -36.90 -1.09
C GLU B 19 -13.53 -37.41 -1.60
N LYS B 20 -13.74 -37.43 -2.90
CA LYS B 20 -15.00 -37.98 -3.37
C LYS B 20 -14.92 -39.52 -3.31
N THR B 21 -15.46 -40.14 -2.28
CA THR B 21 -15.42 -41.60 -2.22
C THR B 21 -16.75 -42.26 -2.57
N GLU B 22 -17.83 -41.47 -2.49
CA GLU B 22 -19.21 -41.93 -2.79
C GLU B 22 -19.84 -40.77 -3.49
N PRO B 23 -20.82 -41.05 -4.37
CA PRO B 23 -21.57 -39.96 -4.94
C PRO B 23 -22.30 -39.12 -3.88
N VAL B 24 -22.24 -37.80 -4.08
CA VAL B 24 -22.96 -36.85 -3.24
C VAL B 24 -23.85 -35.90 -4.05
N GLY B 25 -24.77 -35.20 -3.39
CA GLY B 25 -25.65 -34.28 -4.13
C GLY B 25 -25.44 -32.87 -3.61
N TYR B 26 -25.79 -31.88 -4.41
CA TYR B 26 -25.81 -30.49 -3.84
C TYR B 26 -26.66 -30.39 -2.62
N ASN B 27 -26.13 -29.68 -1.62
CA ASN B 27 -26.83 -29.44 -0.39
C ASN B 27 -27.02 -30.62 0.47
N GLU B 28 -26.37 -31.75 0.14
CA GLU B 28 -26.47 -32.90 0.98
C GLU B 28 -25.75 -32.62 2.28
N ILE B 29 -26.34 -33.08 3.39
CA ILE B 29 -25.70 -32.92 4.68
C ILE B 29 -24.79 -34.08 4.90
N VAL B 30 -23.54 -33.78 5.30
CA VAL B 30 -22.50 -34.81 5.43
C VAL B 30 -21.63 -34.60 6.70
N ASN B 31 -20.98 -35.66 7.18
CA ASN B 31 -20.02 -35.51 8.29
C ASN B 31 -18.66 -35.52 7.62
N ILE B 32 -17.68 -34.81 8.18
CA ILE B 32 -16.28 -34.89 7.72
C ILE B 32 -15.41 -35.37 8.89
N LYS B 33 -14.65 -36.40 8.66
CA LYS B 33 -13.69 -36.92 9.71
C LYS B 33 -12.43 -36.11 9.76
N MET B 34 -12.12 -35.62 10.97
CA MET B 34 -11.02 -34.67 11.22
C MET B 34 -9.82 -35.50 11.68
N GLY B 35 -8.64 -34.89 11.74
CA GLY B 35 -7.41 -35.70 11.90
C GLY B 35 -7.36 -36.39 13.29
N ASP B 36 -8.13 -35.89 14.24
CA ASP B 36 -8.11 -36.46 15.63
C ASP B 36 -9.29 -37.42 15.87
N GLY B 37 -10.02 -37.81 14.83
CA GLY B 37 -11.12 -38.77 15.09
C GLY B 37 -12.47 -38.13 15.41
N THR B 38 -12.51 -36.81 15.56
CA THR B 38 -13.82 -36.14 15.68
C THR B 38 -14.36 -35.89 14.26
N VAL B 39 -15.59 -35.41 14.18
CA VAL B 39 -16.16 -35.08 12.86
C VAL B 39 -16.82 -33.72 12.90
N ARG B 40 -16.84 -33.02 11.77
CA ARG B 40 -17.59 -31.76 11.68
C ARG B 40 -18.74 -32.05 10.72
N ARG B 41 -19.79 -31.25 10.77
CA ARG B 41 -20.92 -31.49 9.88
C ARG B 41 -20.94 -30.36 8.94
N GLY B 42 -21.35 -30.63 7.69
CA GLY B 42 -21.53 -29.56 6.80
C GLY B 42 -22.47 -29.91 5.68
N GLN B 43 -22.43 -29.08 4.67
CA GLN B 43 -23.35 -29.26 3.53
C GLN B 43 -22.56 -29.15 2.23
N VAL B 44 -22.80 -30.08 1.31
CA VAL B 44 -22.14 -30.03 0.02
C VAL B 44 -22.45 -28.78 -0.78
N LEU B 45 -21.39 -28.06 -1.18
CA LEU B 45 -21.55 -26.82 -1.95
C LEU B 45 -21.36 -27.08 -3.44
N ASP B 46 -20.36 -27.89 -3.79
CA ASP B 46 -20.00 -28.14 -5.20
C ASP B 46 -19.06 -29.31 -5.19
N SER B 47 -18.65 -29.82 -6.36
CA SER B 47 -17.77 -30.87 -6.38
C SER B 47 -17.22 -30.95 -7.79
N SER B 48 -16.06 -31.55 -7.91
CA SER B 48 -15.54 -31.97 -9.24
C SER B 48 -15.75 -33.47 -9.25
N ALA B 49 -15.20 -34.18 -10.23
CA ALA B 49 -15.30 -35.66 -10.19
C ALA B 49 -14.63 -36.33 -8.95
N ASP B 50 -13.58 -35.71 -8.42
CA ASP B 50 -12.75 -36.31 -7.38
C ASP B 50 -12.73 -35.55 -6.02
N ILE B 51 -13.20 -34.29 -5.99
CA ILE B 51 -13.08 -33.48 -4.79
C ILE B 51 -14.43 -32.85 -4.46
N VAL B 52 -14.87 -32.97 -3.24
CA VAL B 52 -16.13 -32.38 -2.82
C VAL B 52 -15.81 -31.10 -2.04
N VAL B 53 -16.54 -30.02 -2.33
CA VAL B 53 -16.40 -28.82 -1.50
C VAL B 53 -17.55 -28.76 -0.53
N VAL B 54 -17.25 -28.74 0.76
CA VAL B 54 -18.30 -28.77 1.77
C VAL B 54 -18.24 -27.43 2.51
N GLN B 55 -19.39 -26.82 2.76
CA GLN B 55 -19.47 -25.71 3.76
C GLN B 55 -19.77 -26.23 5.13
N VAL B 56 -18.90 -25.99 6.11
CA VAL B 56 -19.12 -26.57 7.44
C VAL B 56 -20.02 -25.70 8.30
N PHE B 57 -20.76 -26.37 9.19
CA PHE B 57 -21.64 -25.71 10.17
C PHE B 57 -20.90 -25.52 11.48
N GLU B 58 -21.24 -24.41 12.14
CA GLU B 58 -20.93 -24.10 13.55
C GLU B 58 -20.60 -25.29 14.50
N GLY B 59 -21.51 -26.26 14.59
CA GLY B 59 -21.40 -27.47 15.45
C GLY B 59 -20.28 -27.62 16.49
N THR B 60 -19.56 -28.77 16.41
CA THR B 60 -18.28 -29.07 17.14
C THR B 60 -17.62 -30.47 16.87
N GLY B 61 -18.12 -31.55 17.49
CA GLY B 61 -17.35 -32.82 17.55
C GLY B 61 -18.03 -34.12 17.11
N GLY B 62 -19.36 -34.04 16.92
CA GLY B 62 -20.16 -35.15 16.37
C GLY B 62 -20.07 -36.44 17.15
N VAL B 69 -28.77 -42.05 8.81
CA VAL B 69 -27.34 -42.30 8.60
C VAL B 69 -26.89 -41.50 7.35
N ILE B 70 -25.72 -40.89 7.42
CA ILE B 70 -25.37 -39.92 6.38
C ILE B 70 -23.96 -40.16 5.90
N PHE B 71 -23.61 -39.53 4.81
CA PHE B 71 -22.30 -39.75 4.30
C PHE B 71 -21.28 -39.22 5.32
N THR B 72 -20.28 -40.04 5.68
CA THR B 72 -19.11 -39.53 6.43
C THR B 72 -17.87 -39.50 5.56
N GLY B 73 -17.39 -38.30 5.28
CA GLY B 73 -16.32 -38.16 4.26
C GLY B 73 -14.93 -38.03 4.89
N GLU B 74 -13.91 -38.33 4.10
CA GLU B 74 -12.52 -38.19 4.52
C GLU B 74 -12.06 -36.82 3.94
N THR B 75 -11.20 -36.10 4.66
CA THR B 75 -10.62 -34.94 4.05
C THR B 75 -9.72 -35.24 2.88
N LEU B 76 -9.67 -34.30 1.96
CA LEU B 76 -8.79 -34.43 0.82
C LEU B 76 -7.34 -34.36 1.34
N LYS B 77 -6.49 -35.27 0.84
CA LYS B 77 -5.15 -35.44 1.42
C LYS B 77 -4.05 -35.11 0.47
N LEU B 78 -2.96 -34.58 1.00
CA LEU B 78 -1.77 -34.45 0.18
C LEU B 78 -0.97 -35.73 0.44
N PRO B 79 -0.49 -36.36 -0.65
CA PRO B 79 0.42 -37.46 -0.46
C PRO B 79 1.85 -36.92 -0.17
N ALA B 80 2.23 -36.95 1.08
CA ALA B 80 3.40 -36.17 1.61
C ALA B 80 4.62 -37.10 1.66
N SER B 81 5.72 -36.62 1.07
CA SER B 81 6.99 -37.34 1.09
C SER B 81 8.06 -36.30 0.79
N VAL B 82 9.31 -36.53 1.18
CA VAL B 82 10.38 -35.65 0.70
C VAL B 82 10.55 -35.77 -0.80
N ASP B 83 9.99 -36.82 -1.36
CA ASP B 83 10.03 -36.98 -2.80
C ASP B 83 9.05 -36.12 -3.55
N LEU B 84 8.28 -35.29 -2.84
CA LEU B 84 7.57 -34.18 -3.50
C LEU B 84 8.58 -33.25 -4.15
N LEU B 85 9.77 -33.08 -3.55
CA LEU B 85 10.77 -32.17 -4.13
C LEU B 85 11.22 -32.66 -5.51
N GLY B 86 11.30 -31.74 -6.44
CA GLY B 86 11.55 -32.10 -7.85
C GLY B 86 10.38 -32.46 -8.73
N ARG B 87 9.15 -32.41 -8.21
CA ARG B 87 7.97 -32.81 -8.95
C ARG B 87 7.13 -31.58 -9.38
N ILE B 88 6.43 -31.71 -10.51
CA ILE B 88 5.53 -30.69 -11.02
C ILE B 88 4.18 -31.39 -11.07
N LEU B 89 3.21 -30.84 -10.31
CA LEU B 89 1.92 -31.48 -10.05
C LEU B 89 0.83 -30.50 -10.42
N SER B 90 -0.40 -31.04 -10.52
CA SER B 90 -1.58 -30.20 -10.76
C SER B 90 -1.99 -29.60 -9.43
N GLY B 91 -3.05 -28.79 -9.48
CA GLY B 91 -3.54 -28.20 -8.24
C GLY B 91 -4.11 -29.20 -7.31
N SER B 92 -4.45 -30.41 -7.81
CA SER B 92 -4.95 -31.49 -6.95
C SER B 92 -3.82 -32.46 -6.59
N GLY B 93 -2.59 -32.14 -6.94
CA GLY B 93 -1.47 -32.97 -6.53
C GLY B 93 -1.13 -34.12 -7.48
N GLU B 94 -1.83 -34.25 -8.59
CA GLU B 94 -1.56 -35.33 -9.55
C GLU B 94 -0.38 -34.95 -10.44
N PRO B 95 0.43 -35.92 -10.87
CA PRO B 95 1.62 -35.51 -11.66
C PRO B 95 1.31 -34.79 -12.97
N ARG B 96 2.14 -33.82 -13.30
CA ARG B 96 2.07 -33.09 -14.55
C ARG B 96 3.37 -33.19 -15.30
N ASP B 97 4.31 -33.97 -14.79
CA ASP B 97 5.65 -34.04 -15.33
C ASP B 97 5.94 -35.42 -15.99
N GLY B 98 4.89 -36.19 -16.25
CA GLY B 98 5.03 -37.56 -16.77
C GLY B 98 5.60 -38.58 -15.80
N GLY B 99 5.79 -38.19 -14.55
CA GLY B 99 6.26 -39.12 -13.56
C GLY B 99 5.12 -39.86 -12.88
N PRO B 100 5.48 -40.85 -12.07
CA PRO B 100 4.56 -41.64 -11.25
C PRO B 100 3.82 -40.80 -10.20
N ARG B 101 2.62 -41.23 -9.78
CA ARG B 101 1.96 -40.58 -8.63
C ARG B 101 2.88 -40.62 -7.40
N ILE B 102 2.78 -39.60 -6.56
CA ILE B 102 3.61 -39.58 -5.38
C ILE B 102 3.29 -40.75 -4.44
N VAL B 103 4.34 -41.44 -3.98
CA VAL B 103 4.20 -42.47 -2.95
C VAL B 103 4.36 -41.85 -1.57
N PRO B 104 3.28 -41.78 -0.76
CA PRO B 104 3.31 -40.98 0.49
C PRO B 104 4.01 -41.67 1.66
N ASP B 105 4.81 -40.95 2.44
CA ASP B 105 5.06 -41.42 3.79
C ASP B 105 3.89 -41.09 4.72
N GLN B 106 3.07 -40.06 4.38
CA GLN B 106 1.93 -39.66 5.22
C GLN B 106 0.87 -39.07 4.31
N LEU B 107 -0.41 -39.25 4.65
CA LEU B 107 -1.49 -38.60 3.89
C LEU B 107 -1.98 -37.48 4.76
N LEU B 108 -1.79 -36.24 4.34
CA LEU B 108 -2.05 -35.12 5.25
C LEU B 108 -3.26 -34.33 4.83
N ASP B 109 -4.21 -34.11 5.75
CA ASP B 109 -5.38 -33.25 5.46
C ASP B 109 -4.94 -31.88 4.87
N ILE B 110 -5.38 -31.49 3.68
CA ILE B 110 -4.93 -30.16 3.12
C ILE B 110 -5.64 -28.94 3.73
N ASN B 111 -6.69 -29.19 4.51
CA ASN B 111 -7.48 -28.10 5.06
C ASN B 111 -6.74 -27.40 6.18
N GLY B 112 -5.67 -28.02 6.66
CA GLY B 112 -4.76 -27.41 7.64
C GLY B 112 -5.02 -27.89 9.08
N ALA B 113 -5.98 -28.78 9.24
CA ALA B 113 -6.55 -29.17 10.57
C ALA B 113 -6.01 -30.39 11.25
N ALA B 114 -5.24 -31.23 10.56
CA ALA B 114 -4.80 -32.43 11.25
C ALA B 114 -3.45 -32.23 11.96
N MET B 115 -2.64 -31.27 11.51
CA MET B 115 -1.36 -31.01 12.14
C MET B 115 -1.23 -29.48 12.34
N ASN B 116 -0.95 -28.99 13.58
CA ASN B 116 -0.69 -27.54 13.85
C ASN B 116 0.75 -27.41 13.99
N PRO B 117 1.42 -27.10 12.88
CA PRO B 117 2.90 -27.06 13.01
C PRO B 117 3.40 -25.73 13.60
N TYR B 118 2.58 -24.70 13.72
CA TYR B 118 3.17 -23.36 14.00
C TYR B 118 3.49 -23.13 15.46
N ALA B 119 4.65 -22.49 15.71
CA ALA B 119 5.07 -22.13 17.06
C ALA B 119 4.54 -20.74 17.38
N ARG B 120 4.42 -20.45 18.67
CA ARG B 120 4.06 -19.12 19.11
C ARG B 120 5.33 -18.25 19.21
N LEU B 121 5.88 -17.96 18.01
CA LEU B 121 7.22 -17.31 17.87
C LEU B 121 7.16 -16.31 16.73
N PRO B 122 7.82 -15.19 16.86
CA PRO B 122 7.76 -14.22 15.76
C PRO B 122 8.71 -14.61 14.62
N PRO B 123 8.38 -14.16 13.42
CA PRO B 123 9.25 -14.39 12.29
C PRO B 123 10.64 -13.80 12.56
N LYS B 124 11.71 -14.40 12.06
CA LYS B 124 12.96 -13.79 12.36
C LYS B 124 14.20 -13.92 11.49
N ASP B 125 14.56 -14.99 10.90
CA ASP B 125 15.98 -14.70 10.35
C ASP B 125 15.94 -14.18 8.87
N PHE B 126 17.06 -14.08 8.18
CA PHE B 126 17.11 -13.55 6.79
C PHE B 126 16.75 -14.58 5.73
N ILE B 127 15.93 -14.20 4.75
CA ILE B 127 15.84 -14.91 3.48
C ILE B 127 16.41 -14.01 2.42
N GLN B 128 17.47 -14.52 1.76
CA GLN B 128 18.07 -13.71 0.69
C GLN B 128 17.38 -14.01 -0.61
N THR B 129 16.61 -13.06 -1.14
CA THR B 129 16.01 -13.28 -2.45
C THR B 129 16.95 -12.99 -3.60
N GLY B 130 18.10 -12.32 -3.30
CA GLY B 130 19.04 -11.88 -4.38
C GLY B 130 18.58 -10.68 -5.14
N ILE B 131 17.44 -10.08 -4.71
CA ILE B 131 16.88 -8.90 -5.36
C ILE B 131 17.07 -7.75 -4.41
N SER B 132 17.80 -6.72 -4.85
CA SER B 132 18.25 -5.65 -3.90
C SER B 132 17.06 -4.89 -3.30
N THR B 133 16.06 -4.62 -4.10
CA THR B 133 14.94 -3.83 -3.62
C THR B 133 14.04 -4.64 -2.65
N ILE B 134 14.31 -5.91 -2.44
CA ILE B 134 13.71 -6.62 -1.32
C ILE B 134 14.72 -6.75 -0.21
N ASP B 135 15.80 -7.49 -0.46
CA ASP B 135 16.77 -7.69 0.59
C ASP B 135 17.27 -6.40 1.30
N GLY B 136 17.61 -5.41 0.48
CA GLY B 136 18.24 -4.17 0.94
C GLY B 136 17.33 -3.33 1.80
N THR B 137 16.17 -3.03 1.28
CA THR B 137 15.29 -2.05 1.85
C THR B 137 13.98 -2.56 2.50
N ASN B 138 13.62 -3.82 2.27
CA ASN B 138 12.32 -4.35 2.68
CA ASN B 138 12.36 -4.29 2.94
C ASN B 138 12.45 -5.81 3.03
N THR B 139 13.43 -6.17 3.86
CA THR B 139 13.89 -7.55 3.94
C THR B 139 12.87 -8.61 4.32
N LEU B 140 12.85 -9.70 3.55
CA LEU B 140 12.06 -10.88 3.83
C LEU B 140 12.67 -11.71 4.95
N VAL B 141 11.86 -12.03 5.96
CA VAL B 141 12.35 -12.79 7.11
C VAL B 141 11.62 -14.14 7.21
N ARG B 142 12.24 -15.07 7.92
CA ARG B 142 11.67 -16.46 7.89
C ARG B 142 10.36 -16.52 8.69
N GLY B 143 9.28 -17.04 8.09
CA GLY B 143 8.02 -17.08 8.84
C GLY B 143 7.10 -15.93 8.40
N GLN B 144 7.62 -15.00 7.56
CA GLN B 144 6.82 -13.79 7.24
C GLN B 144 5.83 -14.08 6.14
N LYS B 145 4.78 -13.26 6.01
CA LYS B 145 4.00 -13.23 4.77
C LYS B 145 4.21 -11.89 4.18
N LEU B 146 4.80 -11.85 2.98
CA LEU B 146 5.16 -10.52 2.38
C LEU B 146 4.62 -10.46 0.95
N PRO B 147 3.43 -9.89 0.77
CA PRO B 147 2.85 -9.93 -0.56
C PRO B 147 3.59 -9.05 -1.61
N ILE B 148 3.50 -9.45 -2.86
CA ILE B 148 3.91 -8.58 -3.98
C ILE B 148 2.59 -7.98 -4.50
N PHE B 149 2.52 -6.66 -4.48
CA PHE B 149 1.32 -5.95 -4.91
C PHE B 149 1.56 -5.53 -6.38
N SER B 150 0.74 -6.01 -7.33
CA SER B 150 1.02 -5.76 -8.73
C SER B 150 -0.29 -5.28 -9.41
N ALA B 151 -0.23 -5.21 -10.72
CA ALA B 151 -1.40 -4.74 -11.49
C ALA B 151 -1.23 -5.28 -12.86
N SER B 152 -2.27 -5.10 -13.72
CA SER B 152 -2.23 -5.70 -15.05
C SER B 152 -1.07 -5.21 -15.87
N GLY B 153 -0.43 -6.13 -16.57
CA GLY B 153 0.67 -5.78 -17.48
C GLY B 153 2.01 -5.54 -16.76
N LEU B 154 2.08 -5.85 -15.47
CA LEU B 154 3.36 -5.67 -14.79
C LEU B 154 4.00 -7.06 -14.53
N PRO B 155 5.35 -7.11 -14.43
CA PRO B 155 6.05 -8.40 -14.49
C PRO B 155 6.18 -9.12 -13.14
N ALA B 156 5.08 -9.23 -12.40
CA ALA B 156 5.15 -9.79 -11.06
C ALA B 156 5.54 -11.27 -11.16
N ASN B 157 5.08 -11.99 -12.19
CA ASN B 157 5.48 -13.39 -12.21
C ASN B 157 6.94 -13.57 -12.59
N GLU B 158 7.51 -12.64 -13.36
CA GLU B 158 8.99 -12.69 -13.57
C GLU B 158 9.72 -12.58 -12.24
N ILE B 159 9.30 -11.64 -11.40
CA ILE B 159 9.88 -11.46 -10.07
C ILE B 159 9.70 -12.69 -9.22
N ALA B 160 8.47 -13.24 -9.19
CA ALA B 160 8.19 -14.47 -8.43
C ALA B 160 9.10 -15.63 -8.90
N LEU B 161 9.24 -15.80 -10.22
CA LEU B 161 10.14 -16.86 -10.69
C LEU B 161 11.59 -16.59 -10.31
N GLN B 162 12.02 -15.32 -10.38
CA GLN B 162 13.42 -15.03 -10.08
C GLN B 162 13.67 -15.35 -8.58
N ILE B 163 12.72 -14.99 -7.73
CA ILE B 163 12.85 -15.38 -6.33
C ILE B 163 12.86 -16.88 -6.11
N ALA B 164 12.01 -17.61 -6.82
CA ALA B 164 12.09 -19.08 -6.75
C ALA B 164 13.48 -19.66 -7.13
N ARG B 165 14.11 -19.06 -8.14
CA ARG B 165 15.46 -19.53 -8.57
C ARG B 165 16.54 -19.18 -7.57
N GLN B 166 16.43 -17.99 -6.97
CA GLN B 166 17.54 -17.36 -6.23
C GLN B 166 17.53 -17.46 -4.74
N ALA B 167 16.34 -17.63 -4.15
CA ALA B 167 16.21 -17.46 -2.65
C ALA B 167 17.08 -18.46 -1.87
N SER B 168 17.60 -18.02 -0.73
CA SER B 168 18.34 -18.98 0.09
C SER B 168 18.32 -18.40 1.52
N VAL B 169 18.87 -19.17 2.46
CA VAL B 169 18.90 -18.74 3.85
C VAL B 169 20.34 -18.83 4.31
N PRO B 170 21.08 -17.74 4.08
CA PRO B 170 22.56 -17.86 4.21
C PRO B 170 22.94 -18.26 5.63
N GLY B 171 23.75 -19.31 5.73
CA GLY B 171 24.33 -19.76 7.03
C GLY B 171 23.36 -20.55 7.89
N SER B 172 22.14 -20.84 7.40
CA SER B 172 21.21 -21.61 8.17
C SER B 172 21.60 -23.06 8.22
N GLU B 173 21.53 -23.66 9.41
CA GLU B 173 21.71 -25.12 9.53
C GLU B 173 20.59 -25.95 8.92
N SER B 174 19.45 -25.30 8.71
CA SER B 174 18.30 -25.93 8.11
C SER B 174 18.34 -25.79 6.60
N ALA B 175 17.98 -26.88 5.92
CA ALA B 175 17.95 -26.86 4.47
C ALA B 175 16.76 -26.03 4.01
N PHE B 176 16.77 -25.63 2.77
CA PHE B 176 15.75 -24.72 2.21
C PHE B 176 15.01 -25.35 1.04
N ALA B 177 13.73 -25.04 0.92
CA ALA B 177 12.94 -25.56 -0.21
C ALA B 177 11.96 -24.48 -0.62
N VAL B 178 11.46 -24.64 -1.85
CA VAL B 178 10.47 -23.75 -2.41
C VAL B 178 9.25 -24.54 -2.80
N VAL B 179 8.09 -23.92 -2.56
CA VAL B 179 6.84 -24.44 -3.06
C VAL B 179 6.22 -23.34 -3.86
N PHE B 180 5.97 -23.62 -5.14
CA PHE B 180 5.52 -22.63 -6.10
C PHE B 180 4.16 -23.06 -6.65
N ALA B 181 3.14 -22.20 -6.44
CA ALA B 181 1.77 -22.63 -6.76
C ALA B 181 1.19 -21.56 -7.64
N ALA B 182 0.70 -21.94 -8.82
CA ALA B 182 0.20 -21.00 -9.80
C ALA B 182 -1.27 -21.42 -10.07
N MET B 183 -2.14 -20.42 -10.13
CA MET B 183 -3.61 -20.64 -10.17
C MET B 183 -4.19 -19.94 -11.38
N GLY B 184 -5.02 -20.67 -12.15
CA GLY B 184 -5.75 -20.18 -13.33
C GLY B 184 -4.83 -19.70 -14.44
N ILE B 185 -3.70 -20.39 -14.65
CA ILE B 185 -2.72 -19.84 -15.60
C ILE B 185 -2.95 -20.43 -17.02
N THR B 186 -2.38 -19.79 -18.04
CA THR B 186 -2.54 -20.39 -19.37
C THR B 186 -1.61 -21.57 -19.58
N ASN B 187 -1.88 -22.34 -20.64
CA ASN B 187 -0.95 -23.37 -21.02
CA ASN B 187 -0.96 -23.36 -21.13
C ASN B 187 0.42 -22.81 -21.37
N GLU B 188 0.46 -21.60 -21.93
CA GLU B 188 1.74 -21.04 -22.35
CA GLU B 188 1.70 -20.92 -22.35
C GLU B 188 2.54 -20.63 -21.11
N GLU B 189 1.85 -20.02 -20.15
CA GLU B 189 2.46 -19.72 -18.84
C GLU B 189 2.93 -20.99 -18.16
N ALA B 190 2.14 -22.08 -18.18
CA ALA B 190 2.49 -23.33 -17.49
C ALA B 190 3.78 -23.88 -18.16
N GLN B 191 3.83 -23.85 -19.50
CA GLN B 191 5.01 -24.41 -20.14
C GLN B 191 6.25 -23.61 -19.79
N TYR B 192 6.08 -22.30 -19.75
CA TYR B 192 7.18 -21.41 -19.47
C TYR B 192 7.67 -21.69 -18.02
N PHE B 193 6.75 -21.73 -17.06
CA PHE B 193 7.20 -21.97 -15.66
C PHE B 193 7.93 -23.33 -15.56
N MET B 194 7.37 -24.39 -16.16
CA MET B 194 7.96 -25.73 -16.05
C MET B 194 9.39 -25.68 -16.67
N SER B 195 9.49 -25.04 -17.84
CA SER B 195 10.76 -24.91 -18.53
CA SER B 195 10.77 -24.92 -18.50
C SER B 195 11.80 -24.20 -17.65
N ASP B 196 11.38 -23.05 -17.10
CA ASP B 196 12.29 -22.29 -16.21
C ASP B 196 12.77 -23.09 -15.02
N PHE B 197 11.88 -23.78 -14.29
CA PHE B 197 12.31 -24.60 -13.16
C PHE B 197 13.21 -25.76 -13.58
N GLU B 198 12.88 -26.38 -14.72
CA GLU B 198 13.70 -27.51 -15.20
C GLU B 198 15.11 -27.10 -15.61
N LYS B 199 15.19 -26.08 -16.45
CA LYS B 199 16.47 -25.71 -17.09
C LYS B 199 17.46 -25.17 -16.09
N THR B 200 16.92 -24.50 -15.06
CA THR B 200 17.83 -23.81 -14.13
C THR B 200 18.20 -24.71 -12.97
N GLY B 201 17.46 -25.77 -12.76
CA GLY B 201 17.74 -26.64 -11.63
C GLY B 201 16.98 -26.16 -10.39
N ALA B 202 16.26 -25.03 -10.52
CA ALA B 202 15.41 -24.54 -9.39
C ALA B 202 14.40 -25.63 -8.99
N LEU B 203 14.03 -26.48 -9.95
CA LEU B 203 13.10 -27.60 -9.66
C LEU B 203 13.59 -28.55 -8.63
N GLU B 204 14.90 -28.71 -8.46
CA GLU B 204 15.35 -29.82 -7.60
CA GLU B 204 15.41 -29.79 -7.62
C GLU B 204 15.06 -29.60 -6.15
N ARG B 205 14.85 -28.32 -5.76
CA ARG B 205 14.47 -28.11 -4.37
C ARG B 205 13.03 -27.60 -4.22
N ALA B 206 12.21 -27.80 -5.23
CA ALA B 206 10.86 -27.16 -5.27
C ALA B 206 9.80 -28.23 -5.41
N VAL B 207 8.62 -27.94 -4.91
CA VAL B 207 7.40 -28.67 -5.25
C VAL B 207 6.62 -27.62 -6.03
N VAL B 208 6.21 -27.98 -7.26
CA VAL B 208 5.54 -27.02 -8.11
C VAL B 208 4.10 -27.48 -8.37
N PHE B 209 3.10 -26.67 -8.00
CA PHE B 209 1.69 -27.03 -8.23
C PHE B 209 1.13 -26.07 -9.28
N LEU B 210 0.73 -26.60 -10.45
CA LEU B 210 0.24 -25.74 -11.51
C LEU B 210 -1.23 -26.04 -11.82
N ASN B 211 -2.05 -25.06 -11.59
CA ASN B 211 -3.47 -25.09 -11.92
C ASN B 211 -3.67 -24.20 -13.13
N LEU B 212 -4.24 -24.81 -14.17
CA LEU B 212 -4.52 -24.11 -15.46
C LEU B 212 -5.91 -23.45 -15.44
N ALA B 213 -6.12 -22.34 -16.16
CA ALA B 213 -7.42 -21.59 -16.23
C ALA B 213 -8.65 -22.48 -16.45
N ASP B 214 -8.45 -23.57 -17.19
CA ASP B 214 -9.53 -24.43 -17.63
C ASP B 214 -9.59 -25.70 -16.87
N ASP B 215 -8.70 -25.90 -15.89
CA ASP B 215 -8.87 -26.98 -14.95
C ASP B 215 -10.12 -26.61 -14.15
N PRO B 216 -10.75 -27.58 -13.51
CA PRO B 216 -11.93 -27.27 -12.68
C PRO B 216 -11.65 -26.21 -11.63
N ALA B 217 -12.62 -25.33 -11.43
CA ALA B 217 -12.45 -24.23 -10.48
C ALA B 217 -12.23 -24.80 -9.09
N VAL B 218 -12.76 -26.00 -8.81
CA VAL B 218 -12.56 -26.59 -7.50
C VAL B 218 -11.08 -26.86 -7.30
N GLU B 219 -10.39 -27.33 -8.34
CA GLU B 219 -8.91 -27.56 -8.18
C GLU B 219 -8.20 -26.24 -7.98
N ARG B 220 -8.72 -25.18 -8.57
CA ARG B 220 -8.03 -23.86 -8.35
C ARG B 220 -8.05 -23.49 -6.85
N ILE B 221 -9.20 -23.63 -6.19
CA ILE B 221 -9.24 -23.31 -4.74
C ILE B 221 -8.55 -24.31 -3.83
N VAL B 222 -8.37 -25.56 -4.30
CA VAL B 222 -7.55 -26.50 -3.56
C VAL B 222 -6.08 -26.22 -3.67
N THR B 223 -5.67 -25.60 -4.78
CA THR B 223 -4.22 -25.41 -5.09
C THR B 223 -3.41 -24.79 -3.93
N PRO B 224 -3.85 -23.65 -3.39
CA PRO B 224 -2.98 -23.12 -2.32
C PRO B 224 -2.97 -23.98 -1.05
N ARG B 225 -4.05 -24.71 -0.80
CA ARG B 225 -4.11 -25.64 0.35
C ARG B 225 -3.16 -26.83 0.16
N MET B 226 -3.13 -27.40 -1.04
CA MET B 226 -2.06 -28.41 -1.34
C MET B 226 -0.67 -27.82 -1.11
N ALA B 227 -0.42 -26.63 -1.63
CA ALA B 227 0.90 -26.01 -1.53
C ALA B 227 1.31 -25.79 -0.09
N LEU B 228 0.42 -25.17 0.69
CA LEU B 228 0.71 -24.87 2.09
C LEU B 228 0.83 -26.10 2.96
N THR B 229 0.12 -27.18 2.63
CA THR B 229 0.30 -28.41 3.34
C THR B 229 1.68 -29.04 3.01
N ALA B 230 2.04 -28.98 1.75
CA ALA B 230 3.37 -29.52 1.42
C ALA B 230 4.46 -28.69 2.20
N ALA B 231 4.34 -27.36 2.21
CA ALA B 231 5.33 -26.54 2.90
C ALA B 231 5.36 -26.89 4.41
N GLU B 232 4.18 -27.00 5.03
CA GLU B 232 4.10 -27.41 6.46
C GLU B 232 4.81 -28.73 6.76
N TYR B 233 4.49 -29.71 5.95
CA TYR B 233 5.13 -31.02 6.05
C TYR B 233 6.66 -30.90 5.97
N LEU B 234 7.18 -30.18 4.96
CA LEU B 234 8.66 -30.12 4.79
C LEU B 234 9.24 -29.35 5.97
N ALA B 235 8.55 -28.27 6.37
CA ALA B 235 9.11 -27.40 7.35
C ALA B 235 9.14 -28.06 8.71
N TYR B 236 8.02 -28.68 9.06
CA TYR B 236 7.89 -29.21 10.42
C TYR B 236 8.39 -30.67 10.50
N GLU B 237 8.08 -31.52 9.52
CA GLU B 237 8.49 -32.88 9.72
C GLU B 237 9.91 -33.08 9.21
N HIS B 238 10.41 -32.17 8.39
CA HIS B 238 11.83 -32.31 7.92
C HIS B 238 12.76 -31.15 8.26
N GLY B 239 12.30 -30.23 9.10
CA GLY B 239 13.17 -29.17 9.65
C GLY B 239 13.73 -28.25 8.56
N MET B 240 12.88 -27.88 7.61
CA MET B 240 13.28 -26.98 6.51
C MET B 240 12.72 -25.58 6.65
N HIS B 241 13.50 -24.59 6.16
CA HIS B 241 12.87 -23.30 5.81
C HIS B 241 12.26 -23.38 4.49
N VAL B 242 10.93 -23.16 4.43
CA VAL B 242 10.23 -23.35 3.07
C VAL B 242 9.65 -22.00 2.63
N LEU B 243 9.90 -21.64 1.40
CA LEU B 243 9.36 -20.42 0.89
C LEU B 243 8.21 -20.81 -0.08
N VAL B 244 7.03 -20.26 0.19
CA VAL B 244 5.81 -20.60 -0.62
C VAL B 244 5.45 -19.38 -1.46
N ILE B 245 5.45 -19.55 -2.81
CA ILE B 245 5.19 -18.40 -3.70
C ILE B 245 3.82 -18.76 -4.35
N LEU B 246 2.82 -17.85 -4.28
CA LEU B 246 1.42 -18.19 -4.66
C LEU B 246 0.98 -17.14 -5.63
N THR B 247 0.79 -17.58 -6.85
CA THR B 247 0.44 -16.65 -7.91
C THR B 247 -0.76 -16.89 -8.79
N ASP B 248 -1.87 -16.35 -8.34
CA ASP B 248 -2.05 -14.98 -7.93
CA ASP B 248 -2.17 -14.91 -8.14
C ASP B 248 -3.37 -15.06 -7.18
N ILE B 249 -3.39 -14.38 -6.06
CA ILE B 249 -4.56 -14.50 -5.18
C ILE B 249 -5.80 -13.89 -5.86
N THR B 250 -5.61 -12.96 -6.77
CA THR B 250 -6.78 -12.42 -7.45
C THR B 250 -7.47 -13.51 -8.26
N ASN B 251 -6.69 -14.37 -8.92
CA ASN B 251 -7.31 -15.48 -9.69
C ASN B 251 -7.99 -16.53 -8.77
N TYR B 252 -7.41 -16.75 -7.61
CA TYR B 252 -8.06 -17.58 -6.57
C TYR B 252 -9.42 -16.93 -6.25
N ALA B 253 -9.43 -15.63 -5.94
CA ALA B 253 -10.71 -14.95 -5.58
C ALA B 253 -11.78 -15.10 -6.69
N GLU B 254 -11.32 -15.00 -7.92
CA GLU B 254 -12.19 -15.15 -9.10
CA GLU B 254 -12.18 -15.15 -9.11
C GLU B 254 -12.82 -16.54 -9.15
N ALA B 255 -12.08 -17.58 -8.74
CA ALA B 255 -12.65 -18.91 -8.69
C ALA B 255 -13.70 -18.99 -7.55
N LEU B 256 -13.48 -18.32 -6.40
CA LEU B 256 -14.52 -18.28 -5.38
C LEU B 256 -15.79 -17.66 -5.89
N ARG B 257 -15.70 -16.59 -6.67
CA ARG B 257 -16.88 -16.09 -7.37
C ARG B 257 -17.74 -17.16 -8.12
N GLN B 258 -17.19 -18.39 -8.32
CA GLN B 258 -17.87 -19.60 -8.91
C GLN B 258 -18.56 -20.59 -7.97
N MET B 259 -17.80 -21.18 -7.05
CA MET B 259 -18.32 -22.24 -6.19
C MET B 259 -19.84 -22.23 -6.09
N GLY B 260 -20.47 -23.31 -6.59
CA GLY B 260 -21.93 -23.52 -6.53
C GLY B 260 -22.79 -22.38 -7.10
N ALA B 261 -22.57 -22.09 -8.40
CA ALA B 261 -23.31 -21.09 -9.19
C ALA B 261 -22.95 -21.23 -10.68
N ALA B 262 -23.89 -20.87 -11.55
CA ALA B 262 -23.67 -20.93 -13.02
C ALA B 262 -24.06 -19.64 -13.73
N PRO B 267 -22.16 -15.19 -11.51
CA PRO B 267 -23.29 -16.11 -11.72
C PRO B 267 -24.62 -15.61 -11.11
N GLY B 268 -24.54 -15.00 -9.92
CA GLY B 268 -25.71 -14.44 -9.22
C GLY B 268 -25.73 -12.92 -9.20
N ARG B 269 -24.53 -12.32 -9.16
CA ARG B 269 -24.33 -10.85 -9.25
C ARG B 269 -22.83 -10.48 -9.40
N ARG B 270 -22.51 -9.21 -9.16
CA ARG B 270 -21.20 -8.64 -9.51
C ARG B 270 -20.01 -8.93 -8.54
N GLY B 271 -20.15 -8.68 -7.24
CA GLY B 271 -18.97 -8.70 -6.35
C GLY B 271 -18.45 -10.05 -5.91
N TYR B 272 -17.63 -10.07 -4.88
CA TYR B 272 -17.16 -11.36 -4.35
C TYR B 272 -18.02 -11.80 -3.19
N PRO B 273 -18.08 -13.11 -2.92
CA PRO B 273 -18.89 -13.65 -1.85
C PRO B 273 -18.42 -13.16 -0.48
N GLY B 274 -19.37 -12.88 0.40
CA GLY B 274 -19.05 -12.40 1.73
C GLY B 274 -18.14 -13.26 2.57
N TYR B 275 -18.23 -14.58 2.45
CA TYR B 275 -17.33 -15.53 3.15
C TYR B 275 -15.90 -15.47 2.65
N MET B 276 -15.65 -14.72 1.58
CA MET B 276 -14.31 -14.68 1.03
C MET B 276 -13.31 -14.19 2.07
N TYR B 277 -13.67 -13.22 2.92
CA TYR B 277 -12.65 -12.63 3.77
C TYR B 277 -12.17 -13.63 4.80
N THR B 278 -13.11 -14.42 5.37
CA THR B 278 -12.72 -15.49 6.27
C THR B 278 -11.97 -16.62 5.52
N ASP B 279 -12.43 -16.91 4.30
CA ASP B 279 -11.76 -17.95 3.53
C ASP B 279 -10.30 -17.53 3.28
N LEU B 280 -10.07 -16.25 2.92
CA LEU B 280 -8.66 -15.87 2.72
C LEU B 280 -7.85 -16.05 3.97
N ALA B 281 -8.45 -15.84 5.16
CA ALA B 281 -7.69 -16.00 6.40
C ALA B 281 -7.21 -17.43 6.63
N THR B 282 -7.92 -18.39 6.06
CA THR B 282 -7.44 -19.77 6.19
C THR B 282 -6.17 -19.97 5.33
N LEU B 283 -5.87 -19.04 4.41
CA LEU B 283 -4.62 -19.12 3.67
C LEU B 283 -3.55 -18.32 4.45
N TYR B 284 -3.90 -17.08 4.83
CA TYR B 284 -2.85 -16.27 5.43
C TYR B 284 -2.55 -16.59 6.90
N GLU B 285 -3.39 -17.37 7.59
CA GLU B 285 -2.96 -17.88 8.87
C GLU B 285 -1.83 -18.90 8.78
N ARG B 286 -1.69 -19.53 7.62
CA ARG B 286 -0.78 -20.66 7.51
C ARG B 286 0.65 -20.14 7.13
N ALA B 287 1.33 -19.49 8.08
CA ALA B 287 2.70 -19.00 7.91
C ALA B 287 3.35 -18.85 9.25
N GLY B 288 4.66 -19.03 9.32
CA GLY B 288 5.36 -18.70 10.57
C GLY B 288 6.44 -19.71 10.82
N ILE B 289 7.18 -19.48 11.92
CA ILE B 289 8.19 -20.47 12.37
C ILE B 289 7.43 -21.67 12.92
N VAL B 290 7.97 -22.85 12.70
CA VAL B 290 7.28 -24.06 13.17
C VAL B 290 7.82 -24.51 14.48
N LYS B 291 7.04 -25.35 15.15
CA LYS B 291 7.43 -25.85 16.49
C LYS B 291 8.78 -26.51 16.38
N GLY B 292 9.64 -26.17 17.34
CA GLY B 292 11.04 -26.62 17.37
C GLY B 292 12.02 -25.56 16.90
N ALA B 293 11.46 -24.63 16.13
CA ALA B 293 12.20 -23.51 15.54
C ALA B 293 13.38 -23.94 14.66
N LYS B 294 13.33 -25.11 14.05
CA LYS B 294 14.35 -25.48 13.06
C LYS B 294 13.74 -25.38 11.65
N GLY B 295 12.52 -24.85 11.52
CA GLY B 295 11.93 -24.79 10.18
C GLY B 295 10.95 -23.64 10.14
N SER B 296 10.38 -23.31 8.97
CA SER B 296 9.44 -22.18 8.93
C SER B 296 8.74 -22.27 7.58
N VAL B 297 7.58 -21.63 7.54
CA VAL B 297 6.80 -21.42 6.31
C VAL B 297 6.74 -19.93 6.06
N THR B 298 7.22 -19.49 4.90
CA THR B 298 7.21 -18.04 4.57
C THR B 298 6.34 -17.93 3.30
N GLN B 299 5.49 -16.93 3.21
CA GLN B 299 4.66 -16.82 2.00
C GLN B 299 4.98 -15.55 1.25
N ILE B 300 5.04 -15.70 -0.10
CA ILE B 300 4.99 -14.50 -0.93
C ILE B 300 3.81 -14.70 -1.93
N PRO B 301 2.64 -14.21 -1.57
CA PRO B 301 1.49 -14.21 -2.44
C PRO B 301 1.58 -13.03 -3.39
N ILE B 302 1.16 -13.26 -4.63
CA ILE B 302 1.06 -12.13 -5.56
C ILE B 302 -0.40 -11.64 -5.55
N LEU B 303 -0.57 -10.34 -5.31
CA LEU B 303 -1.93 -9.71 -5.27
C LEU B 303 -1.98 -8.73 -6.45
N SER B 304 -2.67 -9.07 -7.57
CA SER B 304 -2.66 -8.29 -8.80
CA SER B 304 -2.62 -8.16 -8.71
C SER B 304 -3.97 -7.49 -8.89
N MET B 305 -3.93 -6.17 -9.04
CA MET B 305 -5.19 -5.46 -9.24
C MET B 305 -5.65 -5.70 -10.69
N PRO B 306 -6.96 -5.95 -10.87
CA PRO B 306 -7.51 -6.23 -12.20
C PRO B 306 -7.34 -4.98 -13.09
N GLY B 307 -7.16 -5.21 -14.42
CA GLY B 307 -6.95 -4.10 -15.38
C GLY B 307 -8.30 -3.52 -15.85
N ASP B 308 -9.39 -4.25 -15.59
CA ASP B 308 -10.77 -3.81 -16.06
C ASP B 308 -11.78 -4.25 -14.99
N ASP B 309 -12.19 -3.34 -14.10
CA ASP B 309 -13.10 -3.79 -13.02
C ASP B 309 -14.57 -4.07 -13.48
N ILE B 310 -14.94 -3.66 -14.71
CA ILE B 310 -16.25 -4.07 -15.28
C ILE B 310 -16.40 -5.62 -15.30
N THR B 311 -15.39 -6.30 -15.88
CA THR B 311 -15.43 -7.77 -16.04
C THR B 311 -14.75 -8.55 -14.88
N HIS B 312 -13.83 -7.88 -14.17
CA HIS B 312 -13.08 -8.48 -13.06
C HIS B 312 -13.05 -7.51 -11.87
N PRO B 313 -14.06 -7.60 -10.97
CA PRO B 313 -14.15 -6.47 -9.99
C PRO B 313 -12.93 -6.47 -9.01
N ILE B 314 -12.65 -5.35 -8.33
CA ILE B 314 -11.41 -5.31 -7.49
C ILE B 314 -11.71 -5.96 -6.12
N PRO B 315 -11.08 -7.11 -5.79
CA PRO B 315 -11.28 -7.76 -4.46
C PRO B 315 -10.55 -7.04 -3.31
N ASP B 316 -11.11 -7.11 -2.10
CA ASP B 316 -10.41 -6.58 -0.92
C ASP B 316 -9.58 -7.77 -0.36
N LEU B 317 -8.32 -7.80 -0.80
CA LEU B 317 -7.35 -8.75 -0.31
C LEU B 317 -6.48 -8.18 0.82
N SER B 318 -6.93 -7.14 1.51
CA SER B 318 -6.06 -6.48 2.48
C SER B 318 -5.83 -7.33 3.74
N GLY B 319 -6.62 -8.38 3.90
CA GLY B 319 -6.43 -9.29 5.03
C GLY B 319 -5.05 -9.93 4.93
N TYR B 320 -4.52 -10.05 3.67
CA TYR B 320 -3.20 -10.66 3.51
C TYR B 320 -2.06 -9.67 3.75
N ILE B 321 -2.35 -8.41 4.11
CA ILE B 321 -1.30 -7.37 4.08
C ILE B 321 -1.14 -6.88 5.53
N THR B 322 -0.46 -7.65 6.34
CA THR B 322 -0.27 -7.31 7.73
C THR B 322 1.18 -7.24 8.16
N GLU B 323 2.10 -7.66 7.28
CA GLU B 323 3.50 -7.60 7.62
C GLU B 323 4.34 -6.88 6.56
N GLY B 324 3.63 -6.11 5.70
CA GLY B 324 4.28 -5.27 4.69
C GLY B 324 3.81 -5.60 3.31
N GLN B 325 4.50 -5.06 2.31
CA GLN B 325 4.25 -5.47 0.91
CA GLN B 325 4.12 -5.22 0.91
C GLN B 325 5.34 -4.92 0.05
N ILE B 326 5.47 -5.58 -1.10
CA ILE B 326 6.50 -5.20 -2.07
C ILE B 326 5.69 -4.64 -3.25
N VAL B 327 5.94 -3.39 -3.63
CA VAL B 327 5.08 -2.71 -4.65
C VAL B 327 5.72 -2.73 -6.01
N VAL B 328 5.05 -3.37 -6.94
CA VAL B 328 5.51 -3.36 -8.38
C VAL B 328 4.86 -2.12 -9.00
N ALA B 329 5.65 -1.28 -9.67
CA ALA B 329 5.19 0.11 -9.95
C ALA B 329 5.25 0.34 -11.47
N ARG B 330 4.17 0.89 -12.02
CA ARG B 330 4.16 1.25 -13.47
C ARG B 330 5.19 2.27 -13.89
N GLU B 331 5.47 3.26 -13.08
CA GLU B 331 6.46 4.21 -13.50
C GLU B 331 7.82 3.57 -13.89
N LEU B 332 8.28 2.67 -13.01
CA LEU B 332 9.57 2.12 -13.26
C LEU B 332 9.48 1.19 -14.47
N HIS B 333 8.36 0.45 -14.60
CA HIS B 333 8.23 -0.47 -15.74
C HIS B 333 8.24 0.38 -17.04
N ARG B 334 7.49 1.50 -17.03
CA ARG B 334 7.40 2.39 -18.24
C ARG B 334 8.76 2.97 -18.65
N LYS B 335 9.65 3.16 -17.67
CA LYS B 335 11.02 3.66 -17.87
C LYS B 335 12.01 2.54 -18.31
N GLY B 336 11.48 1.32 -18.47
CA GLY B 336 12.25 0.19 -18.88
C GLY B 336 13.20 -0.42 -17.82
N ILE B 337 12.88 -0.25 -16.54
CA ILE B 337 13.66 -0.84 -15.48
C ILE B 337 13.01 -2.11 -14.96
N TYR B 338 13.78 -3.20 -14.95
CA TYR B 338 13.36 -4.46 -14.30
C TYR B 338 14.35 -4.62 -13.12
N PRO B 339 13.86 -5.32 -12.08
CA PRO B 339 12.50 -5.25 -11.54
C PRO B 339 11.94 -3.94 -11.17
N PRO B 340 10.68 -3.69 -11.58
CA PRO B 340 10.17 -2.35 -11.37
C PRO B 340 9.53 -2.25 -9.99
N ILE B 341 10.37 -2.37 -8.96
CA ILE B 341 9.85 -2.28 -7.61
C ILE B 341 10.16 -0.90 -7.06
N ASN B 342 9.09 -0.23 -6.52
CA ASN B 342 9.30 1.08 -5.92
C ASN B 342 9.44 0.83 -4.43
N VAL B 343 10.61 1.11 -3.87
CA VAL B 343 10.85 0.86 -2.48
C VAL B 343 10.07 1.79 -1.54
N LEU B 344 9.69 2.96 -2.04
CA LEU B 344 9.13 3.96 -1.14
C LEU B 344 7.79 3.53 -0.51
N PRO B 345 6.85 3.00 -1.31
CA PRO B 345 5.58 2.48 -0.75
C PRO B 345 5.74 1.08 -0.26
N SER B 346 6.90 0.46 -0.53
CA SER B 346 7.10 -0.93 0.01
C SER B 346 7.53 -0.91 1.46
N LEU B 347 7.31 -2.03 2.14
CA LEU B 347 7.64 -2.08 3.59
C LEU B 347 7.83 -3.52 3.93
N SER B 348 8.76 -3.84 4.83
CA SER B 348 8.69 -5.13 5.51
C SER B 348 8.64 -4.83 7.01
N ARG B 349 7.52 -5.16 7.63
CA ARG B 349 7.36 -4.79 9.08
C ARG B 349 8.26 -5.56 9.97
N LEU B 350 8.77 -6.74 9.52
CA LEU B 350 9.61 -7.55 10.34
C LEU B 350 11.11 -7.46 9.97
N MET B 351 11.47 -6.54 9.06
CA MET B 351 12.85 -6.43 8.57
C MET B 351 13.90 -6.39 9.69
N ASN B 352 13.63 -5.66 10.76
CA ASN B 352 14.65 -5.55 11.83
C ASN B 352 15.03 -6.88 12.46
N SER B 353 14.13 -7.87 12.38
CA SER B 353 14.36 -9.23 12.89
C SER B 353 15.21 -10.11 11.99
N GLY B 354 15.53 -9.60 10.81
CA GLY B 354 16.18 -10.37 9.75
C GLY B 354 17.53 -9.82 9.38
N ILE B 355 18.03 -8.76 10.05
CA ILE B 355 19.21 -8.04 9.53
C ILE B 355 20.21 -7.76 10.62
N GLY B 356 21.40 -7.37 10.19
CA GLY B 356 22.46 -6.95 11.15
C GLY B 356 23.53 -7.99 11.34
N ALA B 357 24.37 -7.75 12.35
CA ALA B 357 25.47 -8.64 12.68
C ALA B 357 25.02 -10.07 12.80
N GLY B 358 25.70 -10.99 12.08
CA GLY B 358 25.39 -12.43 12.15
C GLY B 358 24.23 -12.90 11.26
N LYS B 359 23.59 -11.95 10.61
CA LYS B 359 22.40 -12.24 9.75
C LYS B 359 22.61 -11.70 8.42
N THR B 360 22.86 -10.38 8.35
CA THR B 360 23.31 -9.79 7.12
C THR B 360 24.65 -9.11 7.32
N ARG B 361 24.63 -7.82 7.58
CA ARG B 361 25.88 -7.11 8.02
C ARG B 361 25.45 -5.96 8.93
N GLU B 362 26.32 -5.57 9.88
CA GLU B 362 25.91 -4.61 10.90
C GLU B 362 25.38 -3.25 10.36
N ASP B 363 25.90 -2.82 9.20
CA ASP B 363 25.54 -1.50 8.61
C ASP B 363 24.24 -1.53 7.82
N HIS B 364 23.59 -2.70 7.72
CA HIS B 364 22.42 -2.87 6.82
C HIS B 364 21.29 -1.85 7.13
N LYS B 365 20.90 -1.73 8.40
CA LYS B 365 19.76 -0.89 8.70
C LYS B 365 20.10 0.57 8.33
N ALA B 366 21.31 1.01 8.71
CA ALA B 366 21.75 2.36 8.36
C ALA B 366 21.74 2.64 6.87
N VAL B 367 22.32 1.76 6.09
CA VAL B 367 22.42 1.94 4.64
C VAL B 367 21.01 1.91 4.07
N SER B 368 20.16 1.01 4.59
CA SER B 368 18.79 0.97 4.07
C SER B 368 18.09 2.32 4.38
N ASP B 369 18.21 2.77 5.62
CA ASP B 369 17.51 4.02 6.06
C ASP B 369 18.03 5.20 5.19
N GLN B 370 19.35 5.23 4.95
CA GLN B 370 19.93 6.33 4.18
C GLN B 370 19.54 6.34 2.71
N MET B 371 19.54 5.18 2.08
CA MET B 371 19.10 5.08 0.69
C MET B 371 17.65 5.47 0.56
N TYR B 372 16.81 4.99 1.48
CA TYR B 372 15.38 5.28 1.39
C TYR B 372 15.21 6.83 1.55
N ALA B 373 15.79 7.41 2.57
CA ALA B 373 15.67 8.90 2.78
C ALA B 373 16.24 9.66 1.55
N GLY B 374 17.38 9.23 1.00
CA GLY B 374 17.98 9.92 -0.13
C GLY B 374 17.15 9.78 -1.39
N TYR B 375 16.58 8.59 -1.63
CA TYR B 375 15.74 8.39 -2.81
C TYR B 375 14.42 9.15 -2.67
N ALA B 376 13.85 9.17 -1.44
CA ALA B 376 12.54 9.91 -1.27
C ALA B 376 12.85 11.41 -1.54
N GLU B 377 13.97 11.90 -1.03
CA GLU B 377 14.33 13.34 -1.21
CA GLU B 377 14.20 13.32 -1.24
C GLU B 377 14.54 13.62 -2.69
N GLY B 378 15.32 12.75 -3.36
CA GLY B 378 15.57 12.91 -4.80
C GLY B 378 14.28 12.90 -5.64
N ARG B 379 13.32 12.06 -5.26
CA ARG B 379 12.09 11.97 -6.02
CA ARG B 379 12.09 11.98 -6.02
C ARG B 379 11.24 13.24 -5.79
N ASP B 380 11.25 13.77 -4.58
CA ASP B 380 10.53 15.04 -4.39
C ASP B 380 11.19 16.14 -5.24
N LEU B 381 12.51 16.08 -5.29
CA LEU B 381 13.25 17.10 -6.06
C LEU B 381 12.98 16.99 -7.56
N ARG B 382 12.60 15.82 -8.10
CA ARG B 382 12.08 15.76 -9.49
C ARG B 382 10.84 16.63 -9.64
N GLY B 383 10.00 16.64 -8.58
CA GLY B 383 8.81 17.56 -8.59
C GLY B 383 9.35 19.02 -8.58
N LEU B 384 10.35 19.29 -7.73
CA LEU B 384 10.85 20.68 -7.64
C LEU B 384 11.41 21.10 -9.02
N VAL B 385 12.14 20.20 -9.70
CA VAL B 385 12.69 20.57 -11.04
C VAL B 385 11.53 20.94 -12.00
N ALA B 386 10.43 20.23 -11.88
CA ALA B 386 9.26 20.48 -12.72
C ALA B 386 8.45 21.66 -12.29
N ILE B 387 8.87 22.34 -11.20
CA ILE B 387 8.27 23.60 -10.75
C ILE B 387 9.20 24.77 -11.19
N VAL B 388 10.50 24.66 -10.81
CA VAL B 388 11.40 25.83 -10.88
C VAL B 388 12.40 25.71 -12.01
N GLY B 389 12.55 24.51 -12.59
CA GLY B 389 13.47 24.25 -13.72
C GLY B 389 14.75 23.68 -13.07
N LYS B 390 15.44 22.84 -13.82
CA LYS B 390 16.61 22.13 -13.28
C LYS B 390 17.71 23.13 -12.86
N GLU B 391 17.87 24.19 -13.63
CA GLU B 391 18.96 25.14 -13.27
C GLU B 391 18.80 25.95 -11.98
N ALA B 392 17.57 25.95 -11.44
CA ALA B 392 17.22 26.66 -10.23
C ALA B 392 17.53 25.83 -9.01
N LEU B 393 17.79 24.52 -9.17
CA LEU B 393 18.07 23.71 -8.02
C LEU B 393 19.48 23.99 -7.47
N SER B 394 19.59 23.97 -6.16
CA SER B 394 20.90 24.14 -5.49
C SER B 394 21.86 23.01 -5.89
N GLU B 395 23.17 23.23 -5.73
CA GLU B 395 24.16 22.14 -5.97
C GLU B 395 23.86 20.96 -5.04
N ARG B 396 23.50 21.23 -3.78
CA ARG B 396 23.16 20.11 -2.83
C ARG B 396 21.94 19.33 -3.34
N ASP B 397 20.90 20.05 -3.73
CA ASP B 397 19.71 19.36 -4.18
C ASP B 397 20.00 18.60 -5.43
N THR B 398 20.84 19.16 -6.30
CA THR B 398 21.17 18.42 -7.52
C THR B 398 21.82 17.06 -7.26
N LYS B 399 22.68 16.99 -6.26
CA LYS B 399 23.24 15.67 -5.83
C LYS B 399 22.17 14.66 -5.47
N PHE B 400 21.13 15.10 -4.76
CA PHE B 400 20.03 14.18 -4.39
C PHE B 400 19.16 13.81 -5.56
N LEU B 401 18.95 14.75 -6.48
CA LEU B 401 18.22 14.50 -7.74
C LEU B 401 18.98 13.38 -8.48
N GLU B 402 20.33 13.57 -8.58
CA GLU B 402 21.13 12.62 -9.34
C GLU B 402 21.16 11.27 -8.61
N PHE B 403 21.17 11.33 -7.30
CA PHE B 403 21.08 10.10 -6.50
C PHE B 403 19.88 9.29 -6.82
N ALA B 404 18.71 9.94 -7.01
CA ALA B 404 17.51 9.11 -7.32
C ALA B 404 17.70 8.41 -8.64
N ASP B 405 18.35 9.09 -9.62
CA ASP B 405 18.68 8.36 -10.88
C ASP B 405 19.66 7.18 -10.69
N LEU B 406 20.70 7.38 -9.89
CA LEU B 406 21.70 6.30 -9.59
C LEU B 406 21.00 5.12 -8.87
N PHE B 407 20.07 5.47 -7.96
CA PHE B 407 19.39 4.43 -7.18
C PHE B 407 18.58 3.58 -8.17
N GLU B 408 17.86 4.22 -9.06
CA GLU B 408 17.03 3.45 -10.00
C GLU B 408 17.86 2.67 -11.01
N ASP B 409 18.88 3.30 -11.56
CA ASP B 409 19.68 2.66 -12.63
C ASP B 409 20.68 1.62 -12.11
N LYS B 410 21.16 1.74 -10.89
CA LYS B 410 22.22 0.80 -10.37
C LYS B 410 21.70 -0.17 -9.33
N PHE B 411 20.75 0.28 -8.51
CA PHE B 411 20.31 -0.52 -7.37
C PHE B 411 19.02 -1.21 -7.70
N VAL B 412 17.98 -0.44 -8.12
CA VAL B 412 16.70 -1.07 -8.48
C VAL B 412 16.89 -2.02 -9.67
N ARG B 413 17.46 -1.49 -10.74
CA ARG B 413 17.70 -2.31 -11.91
C ARG B 413 18.68 -3.47 -11.65
N GLN B 414 18.32 -4.70 -12.05
CA GLN B 414 19.29 -5.80 -12.01
C GLN B 414 18.82 -6.80 -13.04
N GLY B 415 19.70 -7.71 -13.45
CA GLY B 415 19.26 -8.66 -14.43
C GLY B 415 18.26 -9.67 -13.97
N ARG B 416 17.55 -10.23 -14.93
CA ARG B 416 16.54 -11.31 -14.62
C ARG B 416 17.19 -12.46 -13.92
N ASN B 417 18.47 -12.73 -14.25
CA ASN B 417 19.15 -13.83 -13.59
C ASN B 417 20.27 -13.41 -12.73
N GLU B 418 20.28 -12.13 -12.35
CA GLU B 418 21.32 -11.58 -11.49
C GLU B 418 21.00 -11.79 -10.04
N ASN B 419 21.75 -12.67 -9.39
CA ASN B 419 21.46 -13.06 -7.98
C ASN B 419 22.46 -12.33 -7.07
N ARG B 420 22.03 -11.24 -6.44
CA ARG B 420 22.94 -10.41 -5.63
C ARG B 420 22.95 -10.86 -4.20
N THR B 421 24.11 -11.16 -3.65
CA THR B 421 24.20 -11.39 -2.21
C THR B 421 23.84 -10.11 -1.46
N ILE B 422 23.43 -10.25 -0.19
CA ILE B 422 23.22 -8.97 0.57
C ILE B 422 24.47 -8.07 0.59
N GLU B 423 25.64 -8.68 0.68
CA GLU B 423 26.88 -7.89 0.56
C GLU B 423 26.88 -7.10 -0.76
N ASP B 424 26.63 -7.74 -1.89
CA ASP B 424 26.54 -7.08 -3.17
C ASP B 424 25.61 -5.91 -3.13
N THR B 425 24.44 -6.18 -2.59
CA THR B 425 23.40 -5.11 -2.44
C THR B 425 23.88 -3.92 -1.58
N LEU B 426 24.49 -4.20 -0.43
CA LEU B 426 24.93 -3.12 0.47
C LEU B 426 26.12 -2.37 -0.17
N GLU B 427 26.96 -3.07 -0.93
CA GLU B 427 28.07 -2.37 -1.59
C GLU B 427 27.62 -1.52 -2.76
N ILE B 428 26.61 -1.96 -3.51
CA ILE B 428 26.03 -1.07 -4.52
C ILE B 428 25.51 0.18 -3.78
N GLY B 429 24.80 -0.05 -2.68
CA GLY B 429 24.28 1.00 -1.84
C GLY B 429 25.40 1.99 -1.39
N TRP B 430 26.47 1.48 -0.84
CA TRP B 430 27.58 2.40 -0.51
C TRP B 430 28.14 3.15 -1.68
N GLN B 431 28.30 2.50 -2.82
CA GLN B 431 28.86 3.18 -4.00
CA GLN B 431 28.85 3.17 -4.01
C GLN B 431 27.94 4.31 -4.42
N ILE B 432 26.62 4.06 -4.51
CA ILE B 432 25.79 5.21 -4.96
C ILE B 432 25.68 6.26 -3.84
N LEU B 433 25.74 5.87 -2.57
CA LEU B 433 25.75 6.86 -1.49
C LEU B 433 26.93 7.82 -1.51
N THR B 434 28.05 7.39 -2.13
CA THR B 434 29.18 8.33 -2.31
C THR B 434 28.86 9.57 -3.16
N HIS B 435 27.76 9.57 -3.88
CA HIS B 435 27.40 10.71 -4.65
C HIS B 435 26.85 11.82 -3.78
N LEU B 436 26.42 11.48 -2.59
CA LEU B 436 25.85 12.48 -1.70
C LEU B 436 27.00 13.04 -0.90
N PRO B 437 26.87 14.30 -0.41
CA PRO B 437 27.90 14.82 0.51
C PRO B 437 27.90 14.03 1.75
N GLU B 438 29.09 13.70 2.23
CA GLU B 438 29.19 12.83 3.38
C GLU B 438 28.49 13.42 4.58
N ASN B 439 28.49 14.73 4.67
CA ASN B 439 27.83 15.42 5.79
C ASN B 439 26.30 15.42 5.76
N GLN B 440 25.75 14.88 4.68
CA GLN B 440 24.32 14.84 4.47
C GLN B 440 23.81 13.42 4.80
N LEU B 441 24.70 12.51 5.21
CA LEU B 441 24.32 11.13 5.55
C LEU B 441 23.80 11.01 6.99
N GLY B 442 22.72 11.71 7.26
CA GLY B 442 22.22 11.85 8.65
C GLY B 442 21.66 10.60 9.27
N ARG B 443 21.37 9.58 8.43
CA ARG B 443 20.82 8.30 8.93
C ARG B 443 21.88 7.25 9.21
N ILE B 444 23.14 7.59 8.95
CA ILE B 444 24.24 6.65 9.16
C ILE B 444 25.16 7.08 10.30
N ASP B 445 25.27 6.21 11.27
CA ASP B 445 26.14 6.29 12.44
CA ASP B 445 26.11 6.56 12.39
C ASP B 445 27.59 6.61 11.99
N ASN B 446 28.25 7.60 12.60
CA ASN B 446 29.64 7.89 12.17
C ASN B 446 30.54 6.66 12.22
N LYS B 447 30.29 5.72 13.13
CA LYS B 447 31.11 4.49 13.11
C LYS B 447 31.01 3.66 11.78
N TYR B 448 29.84 3.68 11.16
CA TYR B 448 29.67 2.90 9.88
C TYR B 448 30.27 3.68 8.75
N ILE B 449 30.22 5.02 8.83
CA ILE B 449 30.86 5.85 7.79
C ILE B 449 32.35 5.58 7.85
N GLN B 450 32.92 5.65 9.04
CA GLN B 450 34.37 5.40 9.13
C GLN B 450 34.77 4.02 8.67
N LYS B 451 33.93 3.03 8.92
CA LYS B 451 34.33 1.64 8.64
C LYS B 451 34.05 1.24 7.21
N TYR B 452 32.88 1.68 6.65
CA TYR B 452 32.39 1.15 5.36
C TYR B 452 32.32 2.16 4.21
N HIS B 453 32.27 3.46 4.50
CA HIS B 453 32.15 4.43 3.39
C HIS B 453 33.40 4.31 2.48
N PRO B 454 33.19 4.20 1.14
CA PRO B 454 34.35 3.94 0.27
C PRO B 454 35.48 4.94 0.45
N ALA B 455 35.17 6.17 0.88
CA ALA B 455 36.21 7.20 1.09
C ALA B 455 37.04 7.01 2.38
N HIS B 456 36.62 6.14 3.27
CA HIS B 456 37.31 5.89 4.53
C HIS B 456 37.71 4.45 4.74
N ARG B 457 36.97 3.53 4.14
CA ARG B 457 37.22 2.15 4.42
C ARG B 457 38.69 1.73 4.08
N LYS B 458 39.28 0.91 4.92
CA LYS B 458 40.65 0.36 4.68
C LYS B 458 40.64 -0.98 3.95
N ALA B 459 41.60 -1.18 3.02
CA ALA B 459 41.79 -2.45 2.35
C ALA B 459 42.41 -3.43 3.30
N LYS B 460 41.77 -4.59 3.45
CA LYS B 460 42.20 -5.63 4.32
C LYS B 460 42.76 -6.79 3.51
C1 GOL C . -22.29 16.33 -14.09
O1 GOL C . -21.47 15.30 -13.59
C2 GOL C . -22.38 17.36 -12.97
O2 GOL C . -23.05 16.74 -11.87
C3 GOL C . -20.96 17.86 -12.59
O3 GOL C . -20.48 18.80 -13.53
O22 P33 D . -25.01 11.83 4.87
C21 P33 D . -24.11 10.68 4.68
C20 P33 D . -24.38 9.49 5.67
O19 P33 D . -24.48 8.18 4.96
C18 P33 D . -25.61 7.30 5.36
C17 P33 D . -25.15 6.04 6.13
O16 P33 D . -26.04 5.12 6.84
C15 P33 D . -25.30 4.47 7.92
C14 P33 D . -24.29 3.43 7.39
O13 P33 D . -23.36 2.63 8.24
C12 P33 D . -22.32 1.89 7.45
C11 P33 D . -22.85 1.10 6.26
O10 P33 D . -22.14 0.20 5.26
C9 P33 D . -22.75 -1.12 5.37
C8 P33 D . -23.57 -2.01 4.38
O7 P33 D . -23.94 -3.34 4.98
C6 P33 D . -25.06 -3.30 5.97
C5 P33 D . -25.13 -4.60 6.80
O4 P33 D . -25.19 -4.41 8.27
C3 P33 D . -24.40 -5.42 8.97
C2 P33 D . -25.21 -6.25 9.98
O1 P33 D . -24.32 -6.92 10.90
C1 GOL E . 3.41 20.36 21.48
O1 GOL E . 3.83 19.20 20.74
C2 GOL E . 2.80 21.42 20.57
O2 GOL E . 3.64 22.04 19.60
C3 GOL E . 1.76 20.68 19.79
O3 GOL E . 0.56 21.17 20.18
C1 GOL F . 7.64 32.34 -10.74
O1 GOL F . 8.97 32.00 -11.01
C2 GOL F . 7.77 33.40 -9.67
O2 GOL F . 6.82 34.34 -9.95
C3 GOL F . 7.35 32.82 -8.33
O3 GOL F . 7.76 33.73 -7.33
C1 GOL G . -11.49 32.75 -24.98
O1 GOL G . -11.19 31.42 -25.03
C2 GOL G . -10.27 33.34 -25.59
O2 GOL G . -10.07 32.45 -26.66
C3 GOL G . -10.40 34.81 -25.97
O3 GOL G . -9.35 35.49 -25.33
C1 GOL H . 10.75 28.26 -14.31
O1 GOL H . 10.24 29.06 -15.33
C2 GOL H . 9.99 28.56 -13.02
O2 GOL H . 10.43 29.80 -12.49
C3 GOL H . 8.48 28.42 -13.14
O3 GOL H . 7.88 29.29 -12.20
C1 GOL I . 8.11 36.13 5.05
O1 GOL I . 7.59 36.89 3.98
C2 GOL I . 9.62 36.11 4.99
O2 GOL I . 9.99 35.71 3.68
C3 GOL I . 10.05 35.09 6.03
O3 GOL I . 11.46 35.02 6.10
CL CL J . 4.35 7.04 -14.65
C3 AES K . -20.22 -33.18 -9.40
C2 AES K . -19.95 -34.50 -9.07
C1 AES K . -20.64 -35.10 -8.01
S AES K . -20.32 -36.68 -7.62
F AES K . -20.49 -37.63 -8.81
O1S AES K . -18.93 -36.89 -7.40
O2S AES K . -20.94 -37.07 -6.49
C6 AES K . -21.63 -34.36 -7.34
C5 AES K . -21.89 -33.04 -7.62
C4 AES K . -21.15 -32.45 -8.65
C7 AES K . -21.47 -31.04 -9.00
C8 AES K . -20.50 -30.49 -10.02
N8 AES K . -20.70 -31.11 -11.32
C1 GOL L . 14.65 -19.08 14.39
O1 GOL L . 15.61 -19.95 14.91
C2 GOL L . 14.12 -19.72 13.10
O2 GOL L . 14.57 -21.05 12.78
C3 GOL L . 14.53 -18.85 11.90
O3 GOL L . 15.94 -19.08 11.58
C1 GOL M . 13.73 2.36 5.67
O1 GOL M . 15.00 1.70 5.92
C2 GOL M . 12.92 1.34 4.91
O2 GOL M . 13.28 0.02 5.30
C3 GOL M . 11.41 1.52 5.05
O3 GOL M . 10.59 0.65 4.28
O1 PG4 N . -5.90 -3.56 -1.24
C1 PG4 N . -5.33 -2.33 -0.78
C2 PG4 N . -3.83 -2.53 -0.67
O2 PG4 N . -3.32 -1.59 0.23
C3 PG4 N . -1.92 -1.77 0.58
C4 PG4 N . -1.18 -1.01 -0.51
O3 PG4 N . -0.08 -0.14 -0.11
C5 PG4 N . 0.74 -0.01 -1.37
C6 PG4 N . 0.43 1.04 -2.43
O4 PG4 N . -0.01 0.57 -3.69
C7 PG4 N . 0.03 1.59 -4.74
C8 PG4 N . -1.37 2.20 -5.02
O5 PG4 N . -1.41 2.79 -6.34
C5 PG0 O . 1.65 -29.26 20.50
O2 PG0 O . 2.82 -29.96 19.93
C4 PG0 O . 2.72 -30.59 18.59
C3 PG0 O . 1.85 -30.04 17.42
O1 PG0 O . 1.87 -31.06 16.35
C2 PG0 O . 0.54 -31.53 16.14
C1 PG0 O . 0.59 -33.05 16.20
OTT PG0 O . -0.61 -33.50 16.78
C1 GOL P . 7.72 -33.08 16.39
O1 GOL P . 7.13 -32.75 17.63
C2 GOL P . 6.72 -34.10 15.91
O2 GOL P . 5.50 -33.61 16.33
C3 GOL P . 6.81 -34.37 14.42
O3 GOL P . 8.13 -34.28 13.92
CL CL Q . -14.24 -7.61 -2.09
#